data_8CL9
#
_entry.id   8CL9
#
_cell.length_a   73.470
_cell.length_b   91.190
_cell.length_c   82.700
_cell.angle_alpha   90.00
_cell.angle_beta   96.43
_cell.angle_gamma   90.00
#
_symmetry.space_group_name_H-M   'P 1 21 1'
#
loop_
_entity.id
_entity.type
_entity.pdbx_description
1 polymer 'Tubulin alpha-1B chain'
2 polymer 'Tubulin beta-2B chain'
3 polymer 'DESIGNED ANKYRIN REPEAT PROTEIN (DARPIN) D1'
4 non-polymer "GUANOSINE-5'-TRIPHOSPHATE"
5 non-polymer 'MAGNESIUM ION'
6 water water
#
loop_
_entity_poly.entity_id
_entity_poly.type
_entity_poly.pdbx_seq_one_letter_code
_entity_poly.pdbx_strand_id
1 'polypeptide(L)'
;MRECISIHVGQAGVQIGNACWELYCLEHGIQPDGQMPSDKTIGGGDDSFNTFFSETGAGKHVPRAVFVDLEPTVIDEVRT
GTYRQLFHPEQLITGKEDAANNYARGHYTIGKEIIDLVLDRIRKLADQCTGLQGFLVFHSFGGGTGSGFTSLLMERLSVD
YGKKSKLEFSIYPAPQVSTAVVEPYNSILTTHTTLEHSDCAFMVDNEAIYDICRRNLDIERPTYTNLNRLISQIVSSITA
SLRFDGALNVDLTEFQTNLVPYPRIHFPLATYAPVISAEKAYHEQLSVAEITNACFEPANQMVKCDPRHGKYMACCLLYR
GDVVPKDVNAAIATIKTKRSIQFVDWCPTGFKVGINYQPPTVVPGGDLAKVQRAVCMLSNTTAIAEAWARLDHKFDLMYA
KRAFVHWYVGEGMEEGEFSEAREDMAALEKDYEEVGV
;
A
2 'polypeptide(L)'
;MREIVHIQAGQCGNQIGAKFWEVISDEHGIDPTGSYHGDSDLQLERINVYYNEATGNKYVPRAILVDLEPGTMDSVRSGP
FGQIFRPDNFVFGQSGAGNNWAKGHYTEGAELVDSVLDVVRKESESCDCLQGFQLTHSLGGGTGSGMGTLLISKIREEYP
DRIMNTFSVMPSPKVSDTVVEPYNATLSVHQLVENTDETYCIDNEALYDICFRTLKLTTPTYGDLNHLVSATMSGVTTCL
RFPGQLNADLRKLAVNMVPFPRLHFFMPGFAPLTSRGSQQYRALTVPELTQQMFDSKNMMAACDPRHGRYLTVAAIFRGR
MSMKEVDEQMLNVQNKNSSYFVEWIPNNVKTAVCDIPPRGLKMSATFIGNSTAIQELFKRISEQFTAMFRRKAFLHWYTG
EGMDEMEFTEAESNMNDLVSEYQQYQDATAD
;
B
3 'polypeptide(L)'
;DLGKKLLEAARAGQDDEVRILMANGADVNATDASGLTPLHLAATYGHLEIVEVLLKHGADVNAIDIMGSTPLHLAALIGH
LEIVEVLLKHGADVNAVDTWGDTPLHLAAIMGHLEIVEVLLKHGADVNAQDKFGKTAFDISIDNGNEDLAEILQK
;
F
#
# COMPACT_ATOMS: atom_id res chain seq x y z
N MET A 1 -38.99 11.88 26.89
CA MET A 1 -38.18 10.80 27.46
C MET A 1 -36.70 11.13 27.40
N ARG A 2 -36.36 12.13 26.58
CA ARG A 2 -34.97 12.55 26.38
C ARG A 2 -34.16 11.39 25.76
N GLU A 3 -34.53 11.04 24.54
CA GLU A 3 -33.96 9.89 23.86
C GLU A 3 -32.61 10.23 23.25
N CYS A 4 -31.81 9.19 23.03
CA CYS A 4 -30.47 9.32 22.45
CA CYS A 4 -30.48 9.32 22.46
C CYS A 4 -30.36 8.40 21.25
N ILE A 5 -29.79 8.94 20.17
CA ILE A 5 -29.60 8.19 18.92
C ILE A 5 -28.10 7.92 18.78
N SER A 6 -27.74 6.64 18.67
CA SER A 6 -26.36 6.25 18.46
C SER A 6 -26.08 6.13 16.96
N ILE A 7 -24.94 6.67 16.53
CA ILE A 7 -24.51 6.58 15.15
C ILE A 7 -23.13 5.94 15.13
N HIS A 8 -22.98 4.90 14.30
CA HIS A 8 -21.75 4.12 14.20
C HIS A 8 -21.22 4.26 12.78
N VAL A 9 -20.07 4.91 12.63
CA VAL A 9 -19.48 5.21 11.32
C VAL A 9 -18.21 4.40 11.15
N GLY A 10 -18.04 3.82 9.96
CA GLY A 10 -16.84 3.06 9.66
C GLY A 10 -16.80 1.73 10.38
N GLN A 11 -15.74 0.96 10.09
CA GLN A 11 -15.60 -0.37 10.67
C GLN A 11 -15.48 -0.30 12.19
N ALA A 12 -14.60 0.58 12.69
CA ALA A 12 -14.39 0.68 14.13
C ALA A 12 -15.69 1.08 14.83
N GLY A 13 -16.40 2.06 14.29
CA GLY A 13 -17.65 2.47 14.89
C GLY A 13 -18.70 1.39 14.87
N VAL A 14 -18.75 0.63 13.77
CA VAL A 14 -19.75 -0.43 13.63
C VAL A 14 -19.43 -1.59 14.56
N GLN A 15 -18.16 -2.04 14.55
CA GLN A 15 -17.78 -3.18 15.36
C GLN A 15 -17.91 -2.87 16.86
N ILE A 16 -17.43 -1.70 17.28
CA ILE A 16 -17.59 -1.29 18.67
C ILE A 16 -19.07 -1.09 18.98
N GLY A 17 -19.82 -0.51 18.04
CA GLY A 17 -21.24 -0.38 18.23
C GLY A 17 -21.94 -1.72 18.37
N ASN A 18 -21.47 -2.73 17.63
CA ASN A 18 -22.04 -4.06 17.77
C ASN A 18 -21.75 -4.65 19.14
N ALA A 19 -20.57 -4.40 19.68
CA ALA A 19 -20.24 -4.89 21.02
C ALA A 19 -20.99 -4.11 22.10
N CYS A 20 -21.22 -2.81 21.88
CA CYS A 20 -21.92 -2.01 22.87
C CYS A 20 -23.39 -2.41 22.97
N TRP A 21 -24.05 -2.60 21.82
CA TRP A 21 -25.47 -2.95 21.85
C TRP A 21 -25.70 -4.37 22.33
N GLU A 22 -24.74 -5.27 22.10
CA GLU A 22 -24.79 -6.59 22.72
C GLU A 22 -24.73 -6.46 24.24
N LEU A 23 -23.84 -5.60 24.73
CA LEU A 23 -23.74 -5.39 26.18
C LEU A 23 -24.97 -4.67 26.73
N TYR A 24 -25.50 -3.71 25.97
CA TYR A 24 -26.69 -3.00 26.41
C TYR A 24 -27.87 -3.96 26.61
N CYS A 25 -28.10 -4.84 25.63
CA CYS A 25 -29.18 -5.79 25.73
C CYS A 25 -29.00 -6.71 26.93
N LEU A 26 -27.76 -7.10 27.20
CA LEU A 26 -27.47 -7.96 28.37
C LEU A 26 -27.72 -7.17 29.66
N GLU A 27 -27.38 -5.90 29.69
CA GLU A 27 -27.58 -5.10 30.90
C GLU A 27 -29.06 -4.83 31.14
N HIS A 28 -29.83 -4.64 30.09
CA HIS A 28 -31.26 -4.34 30.20
C HIS A 28 -32.13 -5.59 30.11
N GLY A 29 -31.54 -6.76 29.89
CA GLY A 29 -32.31 -7.97 29.79
C GLY A 29 -33.15 -8.03 28.52
N ILE A 30 -32.54 -7.72 27.38
CA ILE A 30 -33.20 -7.72 26.09
C ILE A 30 -32.67 -8.89 25.28
N GLN A 31 -33.58 -9.74 24.80
CA GLN A 31 -33.19 -10.88 23.98
CA GLN A 31 -33.19 -10.88 23.98
C GLN A 31 -32.75 -10.41 22.60
N PRO A 32 -31.94 -11.21 21.90
CA PRO A 32 -31.47 -10.80 20.57
C PRO A 32 -32.58 -10.49 19.57
N ASP A 33 -33.79 -11.02 19.77
CA ASP A 33 -34.89 -10.71 18.88
C ASP A 33 -35.60 -9.41 19.27
N GLY A 34 -35.12 -8.70 20.28
CA GLY A 34 -35.71 -7.44 20.69
C GLY A 34 -36.74 -7.54 21.80
N GLN A 35 -37.14 -8.75 22.19
CA GLN A 35 -38.15 -8.91 23.22
C GLN A 35 -37.52 -8.85 24.60
N MET A 36 -38.04 -7.99 25.46
CA MET A 36 -37.60 -7.91 26.86
C MET A 36 -38.74 -8.34 27.77
N PRO A 37 -38.59 -9.45 28.51
CA PRO A 37 -39.72 -9.93 29.33
C PRO A 37 -39.97 -9.12 30.58
N SER A 38 -39.01 -8.36 31.07
CA SER A 38 -39.12 -7.65 32.34
C SER A 38 -39.53 -6.21 32.05
N ASP A 39 -40.85 -6.00 31.96
CA ASP A 39 -41.45 -4.69 31.71
C ASP A 39 -41.04 -4.10 30.36
N LYS A 40 -41.60 -2.94 29.99
CA LYS A 40 -41.19 -2.25 28.73
C LYS A 40 -41.89 -0.89 28.60
N ASP A 47 -39.48 2.86 30.70
CA ASP A 47 -38.82 3.54 31.79
C ASP A 47 -37.62 4.35 31.30
N SER A 48 -36.45 4.10 31.88
CA SER A 48 -35.25 4.85 31.54
C SER A 48 -34.48 4.24 30.38
N PHE A 49 -34.62 2.93 30.16
CA PHE A 49 -33.97 2.28 29.03
C PHE A 49 -34.49 2.79 27.70
N ASN A 50 -35.64 3.45 27.69
CA ASN A 50 -36.24 3.94 26.45
C ASN A 50 -35.43 5.06 25.79
N THR A 51 -34.46 5.63 26.50
CA THR A 51 -33.60 6.63 25.88
C THR A 51 -32.76 6.02 24.77
N PHE A 52 -32.42 4.73 24.88
CA PHE A 52 -31.61 4.04 23.89
C PHE A 52 -32.40 3.05 23.05
N PHE A 53 -33.59 2.65 23.49
CA PHE A 53 -34.39 1.64 22.80
C PHE A 53 -35.79 2.18 22.55
N SER A 54 -36.25 2.03 21.31
CA SER A 54 -37.65 2.30 20.99
C SER A 54 -38.46 1.02 21.11
N GLU A 55 -39.78 1.17 21.18
CA GLU A 55 -40.68 0.06 21.40
C GLU A 55 -41.69 -0.03 20.27
N THR A 56 -41.85 -1.23 19.71
CA THR A 56 -42.85 -1.49 18.69
C THR A 56 -44.14 -1.98 19.34
N GLY A 57 -45.17 -2.16 18.52
CA GLY A 57 -46.45 -2.63 19.05
C GLY A 57 -46.40 -4.07 19.53
N ALA A 58 -45.51 -4.88 18.95
CA ALA A 58 -45.38 -6.29 19.31
C ALA A 58 -44.40 -6.50 20.46
N GLY A 59 -44.05 -5.45 21.20
CA GLY A 59 -43.14 -5.59 22.32
C GLY A 59 -41.68 -5.69 21.97
N LYS A 60 -41.32 -5.51 20.70
CA LYS A 60 -39.93 -5.59 20.27
C LYS A 60 -39.23 -4.27 20.57
N HIS A 61 -38.05 -4.35 21.19
CA HIS A 61 -37.27 -3.17 21.55
C HIS A 61 -36.13 -3.02 20.55
N VAL A 62 -36.22 -1.99 19.72
CA VAL A 62 -35.24 -1.73 18.66
C VAL A 62 -34.29 -0.64 19.16
N PRO A 63 -32.97 -0.82 19.01
CA PRO A 63 -32.04 0.25 19.40
C PRO A 63 -32.20 1.47 18.52
N ARG A 64 -32.07 2.65 19.13
CA ARG A 64 -32.03 3.91 18.39
C ARG A 64 -30.62 4.12 17.83
N ALA A 65 -30.23 3.21 16.95
CA ALA A 65 -28.86 3.13 16.44
C ALA A 65 -28.85 3.24 14.93
N VAL A 66 -27.85 3.93 14.40
CA VAL A 66 -27.60 4.02 12.96
C VAL A 66 -26.21 3.48 12.69
N PHE A 67 -26.12 2.51 11.79
CA PHE A 67 -24.85 1.93 11.39
C PHE A 67 -24.55 2.35 9.96
N VAL A 68 -23.48 3.11 9.76
CA VAL A 68 -23.11 3.64 8.47
C VAL A 68 -21.69 3.21 8.15
N ASP A 69 -21.50 2.67 6.95
CA ASP A 69 -20.17 2.35 6.45
C ASP A 69 -20.20 2.46 4.93
N LEU A 70 -19.11 2.95 4.34
CA LEU A 70 -19.01 3.08 2.90
C LEU A 70 -18.79 1.75 2.19
N GLU A 71 -18.55 0.68 2.95
CA GLU A 71 -18.44 -0.67 2.42
C GLU A 71 -19.36 -1.58 3.23
N PRO A 72 -19.87 -2.66 2.62
CA PRO A 72 -20.86 -3.50 3.29
C PRO A 72 -20.29 -4.65 4.11
N THR A 73 -18.98 -4.91 4.05
CA THR A 73 -18.42 -6.11 4.66
C THR A 73 -18.68 -6.15 6.17
N VAL A 74 -18.46 -5.04 6.85
CA VAL A 74 -18.56 -5.04 8.31
C VAL A 74 -20.01 -5.05 8.76
N ILE A 75 -20.89 -4.30 8.07
CA ILE A 75 -22.28 -4.23 8.48
C ILE A 75 -23.02 -5.52 8.10
N ASP A 76 -22.57 -6.21 7.04
CA ASP A 76 -23.15 -7.50 6.70
C ASP A 76 -22.97 -8.50 7.83
N GLU A 77 -21.91 -8.33 8.64
CA GLU A 77 -21.76 -9.17 9.82
C GLU A 77 -22.84 -8.88 10.85
N VAL A 78 -23.30 -7.63 10.92
CA VAL A 78 -24.43 -7.31 11.80
C VAL A 78 -25.74 -7.81 11.21
N ARG A 79 -25.87 -7.79 9.88
CA ARG A 79 -27.09 -8.27 9.24
C ARG A 79 -27.24 -9.77 9.37
N THR A 80 -26.13 -10.50 9.51
CA THR A 80 -26.14 -11.96 9.61
C THR A 80 -25.51 -12.42 10.92
N GLY A 81 -25.60 -11.60 11.97
CA GLY A 81 -25.02 -11.92 13.25
C GLY A 81 -26.05 -12.40 14.26
N THR A 82 -25.62 -12.42 15.53
CA THR A 82 -26.51 -12.83 16.61
C THR A 82 -27.69 -11.88 16.73
N TYR A 83 -27.45 -10.59 16.58
CA TYR A 83 -28.48 -9.56 16.70
C TYR A 83 -28.94 -9.07 15.33
N ARG A 84 -29.20 -10.02 14.43
CA ARG A 84 -29.69 -9.66 13.10
C ARG A 84 -31.08 -9.04 13.16
N GLN A 85 -31.95 -9.58 14.02
CA GLN A 85 -33.31 -9.09 14.16
C GLN A 85 -33.44 -7.92 15.11
N LEU A 86 -32.36 -7.52 15.79
CA LEU A 86 -32.46 -6.49 16.81
C LEU A 86 -32.61 -5.11 16.19
N PHE A 87 -31.77 -4.78 15.21
CA PHE A 87 -31.72 -3.44 14.65
C PHE A 87 -32.72 -3.29 13.51
N HIS A 88 -33.12 -2.04 13.28
CA HIS A 88 -33.92 -1.73 12.10
C HIS A 88 -33.10 -2.02 10.85
N PRO A 89 -33.63 -2.80 9.90
CA PRO A 89 -32.85 -3.10 8.69
C PRO A 89 -32.52 -1.87 7.88
N GLU A 90 -33.40 -0.87 7.85
CA GLU A 90 -33.10 0.36 7.13
C GLU A 90 -32.10 1.25 7.86
N GLN A 91 -31.82 0.98 9.13
CA GLN A 91 -30.81 1.73 9.87
C GLN A 91 -29.41 1.17 9.66
N LEU A 92 -29.25 0.15 8.82
CA LEU A 92 -27.95 -0.42 8.46
C LEU A 92 -27.67 0.02 7.03
N ILE A 93 -27.00 1.17 6.90
CA ILE A 93 -26.76 1.80 5.61
C ILE A 93 -25.34 1.48 5.17
N THR A 94 -25.18 1.01 3.93
CA THR A 94 -23.88 0.63 3.39
C THR A 94 -23.72 1.17 1.98
N GLY A 95 -22.51 1.63 1.68
CA GLY A 95 -22.11 1.91 0.33
C GLY A 95 -21.46 0.69 -0.31
N LYS A 96 -20.81 0.93 -1.45
CA LYS A 96 -20.10 -0.13 -2.15
C LYS A 96 -18.59 0.05 -2.18
N GLU A 97 -18.09 1.27 -1.96
CA GLU A 97 -16.68 1.57 -2.01
C GLU A 97 -16.31 2.40 -0.78
N ASP A 98 -15.29 1.95 -0.05
CA ASP A 98 -14.91 2.66 1.17
C ASP A 98 -14.05 3.88 0.81
N ALA A 99 -13.70 4.65 1.84
CA ALA A 99 -12.88 5.84 1.65
C ALA A 99 -11.40 5.54 1.55
N ALA A 100 -10.98 4.28 1.62
CA ALA A 100 -9.57 3.90 1.39
C ALA A 100 -8.61 4.62 2.35
N ASN A 101 -9.05 4.83 3.59
CA ASN A 101 -8.15 5.41 4.60
C ASN A 101 -7.85 6.86 4.21
N ASN A 102 -8.73 7.43 3.39
CA ASN A 102 -8.55 8.80 2.93
C ASN A 102 -9.66 9.66 3.51
N TYR A 103 -9.28 10.66 4.30
CA TYR A 103 -10.27 11.57 4.88
C TYR A 103 -11.06 12.29 3.79
N ALA A 104 -10.38 12.69 2.72
CA ALA A 104 -11.04 13.42 1.64
C ALA A 104 -12.06 12.55 0.92
N ARG A 105 -11.81 11.24 0.82
CA ARG A 105 -12.74 10.35 0.14
C ARG A 105 -14.05 10.23 0.93
N GLY A 106 -13.94 9.99 2.24
CA GLY A 106 -15.12 9.88 3.06
C GLY A 106 -15.84 11.19 3.30
N HIS A 107 -15.13 12.32 3.16
CA HIS A 107 -15.76 13.62 3.36
C HIS A 107 -16.22 14.28 2.08
N TYR A 108 -15.41 14.28 1.01
CA TYR A 108 -15.67 15.13 -0.14
C TYR A 108 -16.21 14.39 -1.37
N THR A 109 -15.85 13.13 -1.58
CA THR A 109 -16.23 12.42 -2.80
C THR A 109 -17.17 11.27 -2.51
N ILE A 110 -16.67 10.14 -1.97
CA ILE A 110 -17.50 8.96 -1.77
C ILE A 110 -18.56 9.19 -0.71
N GLY A 111 -18.21 9.91 0.35
CA GLY A 111 -19.15 10.15 1.44
C GLY A 111 -20.36 10.97 1.03
N LYS A 112 -20.18 11.88 0.06
CA LYS A 112 -21.29 12.70 -0.40
C LYS A 112 -22.37 11.89 -1.10
N GLU A 113 -22.06 10.69 -1.58
CA GLU A 113 -23.01 9.87 -2.31
C GLU A 113 -23.98 9.12 -1.40
N ILE A 114 -23.92 9.33 -0.09
CA ILE A 114 -24.74 8.55 0.84
C ILE A 114 -25.12 9.39 2.05
N ILE A 115 -24.59 10.61 2.14
CA ILE A 115 -24.81 11.43 3.33
C ILE A 115 -26.27 11.84 3.44
N ASP A 116 -26.89 12.19 2.31
CA ASP A 116 -28.29 12.61 2.35
C ASP A 116 -29.22 11.45 2.70
N LEU A 117 -28.86 10.22 2.30
CA LEU A 117 -29.63 9.06 2.71
C LEU A 117 -29.45 8.79 4.20
N VAL A 118 -28.23 8.96 4.71
CA VAL A 118 -27.98 8.79 6.14
C VAL A 118 -28.76 9.81 6.94
N LEU A 119 -28.82 11.05 6.44
CA LEU A 119 -29.57 12.10 7.14
C LEU A 119 -31.06 11.79 7.16
N ASP A 120 -31.59 11.26 6.06
CA ASP A 120 -33.02 10.96 6.00
C ASP A 120 -33.37 9.79 6.92
N ARG A 121 -32.48 8.81 7.05
CA ARG A 121 -32.73 7.71 7.96
C ARG A 121 -32.57 8.14 9.41
N ILE A 122 -31.63 9.05 9.69
CA ILE A 122 -31.53 9.64 11.02
C ILE A 122 -32.77 10.46 11.33
N ARG A 123 -33.27 11.20 10.33
N ARG A 123 -33.27 11.20 10.34
CA ARG A 123 -34.50 11.97 10.52
CA ARG A 123 -34.49 11.97 10.52
C ARG A 123 -35.67 11.05 10.82
C ARG A 123 -35.68 11.05 10.80
N LYS A 124 -35.70 9.87 10.20
CA LYS A 124 -36.77 8.92 10.48
C LYS A 124 -36.71 8.44 11.92
N LEU A 125 -35.51 8.24 12.45
CA LEU A 125 -35.36 7.89 13.86
C LEU A 125 -35.70 9.06 14.76
N ALA A 126 -35.30 10.27 14.36
CA ALA A 126 -35.57 11.45 15.18
C ALA A 126 -37.05 11.77 15.23
N ASP A 127 -37.81 11.40 14.18
CA ASP A 127 -39.24 11.65 14.18
C ASP A 127 -39.99 10.73 15.15
N GLN A 128 -39.38 9.61 15.53
CA GLN A 128 -39.96 8.72 16.53
C GLN A 128 -39.61 9.13 17.96
N CYS A 129 -38.86 10.22 18.14
CA CYS A 129 -38.41 10.65 19.45
C CYS A 129 -39.31 11.77 19.96
N THR A 130 -39.74 11.65 21.22
CA THR A 130 -40.56 12.69 21.82
C THR A 130 -39.74 13.94 22.12
N GLY A 131 -38.57 13.77 22.73
CA GLY A 131 -37.67 14.88 22.98
C GLY A 131 -36.22 14.45 22.84
N LEU A 132 -35.68 14.57 21.63
CA LEU A 132 -34.35 14.04 21.35
C LEU A 132 -33.28 14.79 22.13
N GLN A 133 -32.45 14.05 22.86
CA GLN A 133 -31.30 14.64 23.53
C GLN A 133 -30.23 15.04 22.52
N GLY A 134 -29.84 14.10 21.68
CA GLY A 134 -28.76 14.29 20.73
C GLY A 134 -28.23 12.95 20.25
N PHE A 135 -26.96 12.95 19.85
CA PHE A 135 -26.37 11.80 19.18
C PHE A 135 -25.06 11.39 19.84
N LEU A 136 -24.87 10.09 19.96
CA LEU A 136 -23.57 9.51 20.30
C LEU A 136 -22.97 8.94 19.02
N VAL A 137 -21.82 9.47 18.61
CA VAL A 137 -21.21 9.12 17.34
C VAL A 137 -19.97 8.28 17.61
N PHE A 138 -19.97 7.06 17.05
CA PHE A 138 -18.86 6.12 17.20
C PHE A 138 -18.10 6.05 15.88
N HIS A 139 -16.80 6.31 15.93
CA HIS A 139 -15.99 6.35 14.72
C HIS A 139 -14.53 6.28 15.09
N SER A 140 -13.71 5.90 14.11
CA SER A 140 -12.27 5.87 14.26
C SER A 140 -11.66 7.20 13.83
N PHE A 141 -10.40 7.41 14.22
CA PHE A 141 -9.66 8.59 13.81
C PHE A 141 -8.91 8.38 12.49
N GLY A 142 -8.36 7.19 12.28
CA GLY A 142 -7.49 6.94 11.16
C GLY A 142 -8.18 6.43 9.91
N GLY A 143 -9.40 5.92 10.05
CA GLY A 143 -10.13 5.44 8.90
C GLY A 143 -10.65 6.56 8.03
N GLY A 144 -10.77 6.29 6.74
CA GLY A 144 -11.29 7.29 5.82
C GLY A 144 -12.75 7.61 6.09
N THR A 145 -13.54 6.59 6.43
CA THR A 145 -14.94 6.80 6.74
C THR A 145 -15.12 7.33 8.16
N GLY A 146 -14.44 6.72 9.13
CA GLY A 146 -14.53 7.17 10.51
C GLY A 146 -14.06 8.58 10.73
N SER A 147 -13.22 9.11 9.85
CA SER A 147 -12.74 10.49 9.93
C SER A 147 -13.44 11.40 8.92
N GLY A 148 -13.51 10.98 7.66
CA GLY A 148 -14.09 11.80 6.62
C GLY A 148 -15.60 11.90 6.68
N PHE A 149 -16.28 10.76 6.67
CA PHE A 149 -17.74 10.78 6.68
C PHE A 149 -18.28 11.28 8.01
N THR A 150 -17.59 10.98 9.11
CA THR A 150 -18.05 11.44 10.42
C THR A 150 -18.04 12.97 10.50
N SER A 151 -16.93 13.58 10.12
CA SER A 151 -16.85 15.04 10.14
C SER A 151 -17.89 15.66 9.21
N LEU A 152 -18.13 15.02 8.07
CA LEU A 152 -19.21 15.49 7.18
C LEU A 152 -20.57 15.28 7.83
N LEU A 153 -20.75 14.17 8.54
CA LEU A 153 -22.01 13.92 9.21
C LEU A 153 -22.21 14.87 10.39
N MET A 154 -21.14 15.15 11.13
CA MET A 154 -21.24 16.09 12.25
C MET A 154 -21.61 17.49 11.76
N GLU A 155 -21.08 17.90 10.61
CA GLU A 155 -21.43 19.20 10.05
C GLU A 155 -22.91 19.25 9.67
N ARG A 156 -23.42 18.19 9.07
CA ARG A 156 -24.82 18.17 8.65
C ARG A 156 -25.76 18.12 9.85
N LEU A 157 -25.38 17.38 10.90
CA LEU A 157 -26.22 17.31 12.09
C LEU A 157 -26.27 18.65 12.82
N SER A 158 -25.21 19.46 12.70
CA SER A 158 -25.22 20.78 13.32
C SER A 158 -26.26 21.69 12.68
N VAL A 159 -26.60 21.45 11.42
CA VAL A 159 -27.58 22.26 10.72
C VAL A 159 -29.00 21.77 10.99
N ASP A 160 -29.22 20.47 10.92
CA ASP A 160 -30.55 19.91 11.12
C ASP A 160 -30.93 19.77 12.58
N TYR A 161 -29.94 19.74 13.50
CA TYR A 161 -30.18 19.57 14.93
C TYR A 161 -29.21 20.48 15.69
N GLY A 162 -29.38 21.79 15.49
CA GLY A 162 -28.48 22.76 16.10
C GLY A 162 -28.56 22.79 17.61
N LYS A 163 -29.75 22.52 18.17
CA LYS A 163 -29.93 22.55 19.61
C LYS A 163 -29.56 21.23 20.29
N LYS A 164 -29.43 20.15 19.53
CA LYS A 164 -29.15 18.85 20.11
C LYS A 164 -27.66 18.72 20.43
N SER A 165 -27.36 17.88 21.43
CA SER A 165 -26.00 17.63 21.85
C SER A 165 -25.37 16.53 21.01
N LYS A 166 -24.08 16.65 20.76
CA LYS A 166 -23.34 15.66 19.97
C LYS A 166 -22.16 15.17 20.79
N LEU A 167 -22.22 13.91 21.22
CA LEU A 167 -21.14 13.28 21.97
C LEU A 167 -20.42 12.29 21.06
N GLU A 168 -19.10 12.24 21.20
CA GLU A 168 -18.25 11.42 20.34
C GLU A 168 -17.59 10.32 21.14
N PHE A 169 -17.48 9.15 20.53
CA PHE A 169 -16.62 8.06 21.00
C PHE A 169 -15.61 7.82 19.89
N SER A 170 -14.40 8.35 20.06
CA SER A 170 -13.39 8.36 19.02
C SER A 170 -12.31 7.33 19.31
N ILE A 171 -11.86 6.64 18.27
CA ILE A 171 -10.85 5.62 18.37
C ILE A 171 -9.50 6.23 17.99
N TYR A 172 -8.67 6.49 18.99
CA TYR A 172 -7.33 7.07 18.74
C TYR A 172 -6.45 5.99 18.12
N PRO A 173 -5.67 6.36 17.10
CA PRO A 173 -4.88 5.36 16.37
C PRO A 173 -3.68 4.87 17.16
N ALA A 174 -3.31 3.62 16.91
CA ALA A 174 -2.18 2.97 17.55
C ALA A 174 -1.47 2.10 16.53
N PRO A 175 -0.12 2.13 16.44
CA PRO A 175 0.60 1.40 15.37
C PRO A 175 0.47 -0.13 15.38
N GLN A 176 0.16 -0.71 16.53
CA GLN A 176 0.04 -2.18 16.66
C GLN A 176 -1.19 -2.69 15.94
N VAL A 177 -2.22 -1.86 15.82
CA VAL A 177 -3.49 -2.30 15.18
C VAL A 177 -3.76 -1.39 13.97
N SER A 178 -2.88 -0.45 13.67
CA SER A 178 -3.14 0.50 12.60
C SER A 178 -3.05 -0.18 11.25
N THR A 179 -3.92 0.25 10.33
CA THR A 179 -3.98 -0.35 8.98
C THR A 179 -3.51 0.66 7.93
N ALA A 180 -3.15 1.87 8.35
CA ALA A 180 -2.78 2.90 7.39
C ALA A 180 -1.69 3.78 7.98
N VAL A 181 -0.85 4.34 7.11
CA VAL A 181 0.16 5.30 7.53
C VAL A 181 -0.38 6.71 7.61
N VAL A 182 -1.48 7.01 6.91
CA VAL A 182 -2.04 8.36 6.86
C VAL A 182 -3.03 8.56 7.98
N GLU A 183 -3.02 7.65 8.96
CA GLU A 183 -3.93 7.79 10.10
C GLU A 183 -3.70 9.06 10.90
N PRO A 184 -2.47 9.54 11.14
CA PRO A 184 -2.33 10.86 11.76
C PRO A 184 -2.95 11.98 10.94
N TYR A 185 -2.92 11.87 9.61
CA TYR A 185 -3.59 12.87 8.77
C TYR A 185 -5.08 12.87 9.03
N ASN A 186 -5.73 11.70 8.87
CA ASN A 186 -7.17 11.62 9.05
C ASN A 186 -7.60 12.02 10.45
N SER A 187 -6.78 11.68 11.45
CA SER A 187 -7.12 12.03 12.83
C SER A 187 -7.10 13.55 13.03
N ILE A 188 -6.09 14.22 12.49
CA ILE A 188 -6.00 15.68 12.63
C ILE A 188 -7.06 16.36 11.78
N LEU A 189 -7.31 15.84 10.58
CA LEU A 189 -8.28 16.46 9.68
C LEU A 189 -9.69 16.36 10.24
N THR A 190 -10.04 15.24 10.87
CA THR A 190 -11.38 15.09 11.42
C THR A 190 -11.54 15.81 12.75
N THR A 191 -10.46 15.97 13.51
CA THR A 191 -10.57 16.67 14.80
C THR A 191 -10.82 18.16 14.60
N HIS A 192 -10.16 18.76 13.60
CA HIS A 192 -10.32 20.19 13.38
C HIS A 192 -11.72 20.51 12.84
N THR A 193 -12.24 19.69 11.94
CA THR A 193 -13.53 19.95 11.33
C THR A 193 -14.70 19.56 12.23
N THR A 194 -14.47 18.69 13.21
CA THR A 194 -15.53 18.27 14.13
C THR A 194 -15.49 19.03 15.45
N LEU A 195 -14.39 19.71 15.75
CA LEU A 195 -14.21 20.36 17.04
C LEU A 195 -15.40 21.24 17.41
N GLU A 196 -15.83 22.10 16.49
CA GLU A 196 -16.96 22.98 16.76
C GLU A 196 -18.30 22.27 16.70
N HIS A 197 -18.36 21.07 16.13
CA HIS A 197 -19.61 20.34 15.98
C HIS A 197 -19.76 19.21 16.99
N SER A 198 -18.88 19.14 17.99
CA SER A 198 -18.95 18.12 19.02
C SER A 198 -18.85 18.79 20.38
N ASP A 199 -19.75 18.41 21.28
CA ASP A 199 -19.76 18.98 22.63
C ASP A 199 -18.93 18.19 23.62
N CYS A 200 -18.66 16.91 23.32
CA CYS A 200 -17.90 16.06 24.23
C CYS A 200 -17.42 14.85 23.46
N ALA A 201 -16.11 14.58 23.50
CA ALA A 201 -15.52 13.48 22.75
C ALA A 201 -14.70 12.62 23.69
N PHE A 202 -15.09 11.36 23.83
CA PHE A 202 -14.33 10.40 24.63
C PHE A 202 -13.38 9.64 23.70
N MET A 203 -12.10 9.97 23.77
CA MET A 203 -11.11 9.27 22.97
C MET A 203 -10.87 7.88 23.56
N VAL A 204 -10.66 6.91 22.67
CA VAL A 204 -10.30 5.56 23.05
C VAL A 204 -8.96 5.27 22.37
N ASP A 205 -7.87 5.38 23.13
CA ASP A 205 -6.55 5.07 22.60
C ASP A 205 -6.44 3.56 22.40
N ASN A 206 -6.31 3.14 21.14
CA ASN A 206 -6.19 1.71 20.86
C ASN A 206 -4.96 1.12 21.51
N GLU A 207 -3.91 1.92 21.72
CA GLU A 207 -2.71 1.42 22.39
C GLU A 207 -2.98 1.16 23.87
N ALA A 208 -3.72 2.06 24.54
CA ALA A 208 -4.06 1.84 25.94
C ALA A 208 -4.91 0.60 26.11
N ILE A 209 -5.92 0.43 25.25
CA ILE A 209 -6.76 -0.76 25.32
C ILE A 209 -5.96 -2.00 24.95
N TYR A 210 -5.04 -1.88 23.99
CA TYR A 210 -4.17 -2.99 23.62
C TYR A 210 -3.33 -3.44 24.80
N ASP A 211 -2.70 -2.48 25.49
CA ASP A 211 -1.81 -2.82 26.59
C ASP A 211 -2.57 -3.42 27.77
N ILE A 212 -3.77 -2.89 28.07
CA ILE A 212 -4.57 -3.45 29.16
C ILE A 212 -4.94 -4.89 28.86
N CYS A 213 -5.30 -5.18 27.60
CA CYS A 213 -5.60 -6.55 27.22
C CYS A 213 -4.38 -7.45 27.33
N ARG A 214 -3.18 -6.87 27.22
CA ARG A 214 -1.96 -7.68 27.22
CA ARG A 214 -1.96 -7.68 27.22
C ARG A 214 -1.62 -8.17 28.62
N ARG A 215 -1.57 -7.27 29.60
CA ARG A 215 -1.18 -7.62 30.95
C ARG A 215 -2.36 -7.86 31.89
N ASN A 216 -3.35 -6.96 31.89
CA ASN A 216 -4.48 -7.12 32.78
C ASN A 216 -5.36 -8.30 32.39
N LEU A 217 -5.30 -8.76 31.14
CA LEU A 217 -6.11 -9.87 30.67
C LEU A 217 -5.31 -11.06 30.17
N ASP A 218 -3.97 -10.94 30.13
CA ASP A 218 -3.09 -12.04 29.71
C ASP A 218 -3.39 -12.51 28.29
N ILE A 219 -3.72 -11.57 27.41
CA ILE A 219 -3.92 -11.83 25.99
C ILE A 219 -2.62 -11.50 25.27
N GLU A 220 -1.98 -12.51 24.69
CA GLU A 220 -0.68 -12.32 24.04
C GLU A 220 -0.80 -11.31 22.90
N ARG A 221 -1.58 -11.63 21.88
CA ARG A 221 -1.82 -10.74 20.74
C ARG A 221 -3.31 -10.40 20.72
N PRO A 222 -3.69 -9.27 21.32
CA PRO A 222 -5.12 -8.89 21.31
C PRO A 222 -5.58 -8.49 19.92
N THR A 223 -6.78 -8.93 19.57
CA THR A 223 -7.41 -8.60 18.31
C THR A 223 -8.50 -7.55 18.53
N TYR A 224 -9.14 -7.14 17.45
CA TYR A 224 -10.25 -6.18 17.56
C TYR A 224 -11.36 -6.73 18.46
N THR A 225 -11.59 -8.04 18.43
CA THR A 225 -12.61 -8.63 19.31
C THR A 225 -12.27 -8.38 20.77
N ASN A 226 -11.00 -8.58 21.16
CA ASN A 226 -10.61 -8.35 22.54
C ASN A 226 -10.70 -6.87 22.90
N LEU A 227 -10.30 -5.99 21.97
CA LEU A 227 -10.35 -4.55 22.25
C LEU A 227 -11.80 -4.07 22.34
N ASN A 228 -12.65 -4.51 21.42
CA ASN A 228 -14.02 -4.01 21.37
C ASN A 228 -14.80 -4.43 22.61
N ARG A 229 -14.56 -5.63 23.13
CA ARG A 229 -15.26 -6.08 24.33
CA ARG A 229 -15.26 -6.08 24.33
C ARG A 229 -14.86 -5.25 25.54
N LEU A 230 -13.60 -4.81 25.60
CA LEU A 230 -13.18 -3.93 26.69
C LEU A 230 -13.71 -2.51 26.48
N ILE A 231 -13.68 -2.02 25.23
CA ILE A 231 -14.18 -0.69 24.94
C ILE A 231 -15.66 -0.59 25.26
N SER A 232 -16.44 -1.58 24.84
CA SER A 232 -17.87 -1.57 25.11
C SER A 232 -18.15 -1.61 26.60
N GLN A 233 -17.27 -2.25 27.38
CA GLN A 233 -17.42 -2.23 28.84
C GLN A 233 -17.26 -0.82 29.38
N ILE A 234 -16.31 -0.06 28.84
CA ILE A 234 -16.09 1.32 29.30
C ILE A 234 -17.19 2.24 28.77
N VAL A 235 -17.56 2.07 27.50
CA VAL A 235 -18.60 2.93 26.91
C VAL A 235 -19.92 2.72 27.64
N SER A 236 -20.26 1.47 27.96
CA SER A 236 -21.46 1.20 28.73
C SER A 236 -21.39 1.85 30.11
N SER A 237 -20.21 1.87 30.72
CA SER A 237 -20.04 2.53 32.00
C SER A 237 -20.21 4.04 31.89
N ILE A 238 -19.94 4.60 30.71
CA ILE A 238 -20.11 6.04 30.51
C ILE A 238 -21.57 6.37 30.21
N THR A 239 -22.23 5.54 29.40
CA THR A 239 -23.62 5.77 29.02
C THR A 239 -24.62 5.08 29.94
N ALA A 240 -24.16 4.46 31.04
CA ALA A 240 -25.08 3.83 31.97
C ALA A 240 -26.02 4.84 32.60
N SER A 241 -25.52 6.06 32.85
CA SER A 241 -26.35 7.09 33.46
C SER A 241 -27.46 7.56 32.53
N LEU A 242 -27.33 7.35 31.22
CA LEU A 242 -28.38 7.72 30.29
C LEU A 242 -29.45 6.64 30.18
N ARG A 243 -29.10 5.40 30.47
CA ARG A 243 -30.02 4.27 30.33
C ARG A 243 -30.54 3.77 31.68
N PHE A 244 -30.09 4.35 32.79
CA PHE A 244 -30.53 3.94 34.11
C PHE A 244 -30.82 5.18 34.95
N ASP A 245 -31.59 4.98 36.01
CA ASP A 245 -31.85 6.05 36.95
C ASP A 245 -30.56 6.42 37.69
N GLY A 246 -30.41 7.70 37.99
CA GLY A 246 -29.22 8.16 38.67
C GLY A 246 -29.27 9.66 38.89
N ALA A 247 -28.20 10.18 39.48
CA ALA A 247 -28.09 11.60 39.78
C ALA A 247 -26.93 12.29 39.09
N LEU A 248 -26.05 11.54 38.41
CA LEU A 248 -24.89 12.10 37.74
C LEU A 248 -24.98 11.82 36.25
N ASN A 249 -24.87 12.87 35.44
CA ASN A 249 -24.89 12.76 33.97
C ASN A 249 -26.18 12.09 33.48
N VAL A 250 -27.32 12.62 33.93
CA VAL A 250 -28.60 12.03 33.56
C VAL A 250 -28.99 12.34 32.12
N ASP A 251 -28.38 13.36 31.51
CA ASP A 251 -28.65 13.68 30.11
C ASP A 251 -27.36 14.12 29.44
N LEU A 252 -27.43 14.30 28.12
CA LEU A 252 -26.25 14.70 27.36
C LEU A 252 -25.79 16.09 27.72
N THR A 253 -26.69 16.97 28.16
CA THR A 253 -26.30 18.31 28.56
C THR A 253 -25.42 18.26 29.81
N GLU A 254 -25.75 17.40 30.76
CA GLU A 254 -24.96 17.29 31.98
C GLU A 254 -23.55 16.79 31.69
N PHE A 255 -23.36 16.06 30.59
CA PHE A 255 -22.03 15.62 30.20
C PHE A 255 -21.12 16.81 29.93
N GLN A 256 -21.64 17.83 29.23
CA GLN A 256 -20.84 19.02 28.98
C GLN A 256 -20.71 19.88 30.23
N THR A 257 -21.78 19.99 31.01
CA THR A 257 -21.74 20.80 32.23
C THR A 257 -20.74 20.25 33.23
N ASN A 258 -20.73 18.93 33.43
CA ASN A 258 -19.88 18.33 34.44
C ASN A 258 -18.44 18.15 33.97
N LEU A 259 -18.23 17.90 32.68
CA LEU A 259 -16.91 17.51 32.19
C LEU A 259 -16.27 18.50 31.22
N VAL A 260 -17.02 19.44 30.67
CA VAL A 260 -16.54 20.35 29.63
C VAL A 260 -16.64 21.77 30.14
N PRO A 261 -15.57 22.33 30.71
CA PRO A 261 -15.62 23.74 31.13
C PRO A 261 -15.54 24.70 29.96
N TYR A 262 -14.80 24.36 28.91
CA TYR A 262 -14.71 25.15 27.69
C TYR A 262 -15.03 24.26 26.49
N PRO A 263 -15.80 24.76 25.53
CA PRO A 263 -16.26 23.89 24.44
C PRO A 263 -15.14 23.31 23.58
N ARG A 264 -13.96 23.93 23.56
CA ARG A 264 -12.88 23.41 22.73
C ARG A 264 -12.16 22.25 23.40
N ILE A 265 -11.95 22.32 24.72
CA ILE A 265 -11.29 21.25 25.45
C ILE A 265 -12.34 20.28 25.98
N HIS A 266 -13.02 19.59 25.07
CA HIS A 266 -14.12 18.70 25.40
C HIS A 266 -13.72 17.23 25.26
N PHE A 267 -12.50 16.89 25.66
CA PHE A 267 -11.96 15.53 25.55
C PHE A 267 -11.65 15.00 26.95
N PRO A 268 -12.65 14.47 27.64
CA PRO A 268 -12.40 13.91 28.97
C PRO A 268 -11.63 12.60 28.90
N LEU A 269 -10.85 12.35 29.95
CA LEU A 269 -10.09 11.12 30.05
C LEU A 269 -10.90 10.11 30.87
N ALA A 270 -11.10 8.93 30.31
CA ALA A 270 -11.83 7.86 30.99
C ALA A 270 -10.85 6.86 31.58
N THR A 271 -11.18 6.36 32.77
CA THR A 271 -10.39 5.35 33.44
C THR A 271 -11.33 4.32 34.05
N TYR A 272 -11.06 3.04 33.78
CA TYR A 272 -11.91 1.95 34.23
C TYR A 272 -11.13 1.02 35.14
N ALA A 273 -11.80 0.52 36.18
CA ALA A 273 -11.19 -0.40 37.14
C ALA A 273 -12.30 -1.16 37.84
N PRO A 274 -12.11 -2.44 38.13
CA PRO A 274 -10.93 -3.26 37.85
C PRO A 274 -11.05 -4.04 36.54
N VAL A 275 -9.92 -4.36 35.91
CA VAL A 275 -9.89 -5.18 34.71
C VAL A 275 -9.19 -6.49 35.10
N ILE A 276 -9.99 -7.51 35.41
CA ILE A 276 -9.49 -8.80 35.86
C ILE A 276 -9.81 -9.84 34.80
N SER A 277 -8.83 -10.68 34.47
CA SER A 277 -9.03 -11.72 33.47
C SER A 277 -10.08 -12.72 33.95
N ALA A 278 -10.84 -13.24 32.99
CA ALA A 278 -11.88 -14.23 33.30
C ALA A 278 -11.29 -15.53 33.83
N GLU A 279 -10.01 -15.80 33.55
CA GLU A 279 -9.38 -17.01 34.08
C GLU A 279 -9.20 -16.96 35.58
N LYS A 280 -9.19 -15.76 36.17
CA LYS A 280 -9.13 -15.61 37.62
C LYS A 280 -10.53 -15.32 38.17
N ALA A 281 -11.44 -16.28 37.97
CA ALA A 281 -12.82 -16.10 38.40
C ALA A 281 -12.93 -16.05 39.92
N TYR A 282 -12.01 -16.69 40.63
CA TYR A 282 -12.01 -16.71 42.09
C TYR A 282 -11.07 -15.67 42.69
N HIS A 283 -10.87 -14.56 42.00
CA HIS A 283 -10.10 -13.46 42.55
C HIS A 283 -10.83 -12.85 43.74
N GLU A 284 -10.05 -12.34 44.69
CA GLU A 284 -10.63 -11.66 45.83
C GLU A 284 -11.26 -10.34 45.40
N GLN A 285 -12.46 -10.07 45.92
CA GLN A 285 -13.17 -8.86 45.54
C GLN A 285 -12.44 -7.62 46.02
N LEU A 286 -12.14 -6.72 45.09
CA LEU A 286 -11.44 -5.49 45.44
C LEU A 286 -12.38 -4.48 46.07
N SER A 287 -11.86 -3.73 47.03
CA SER A 287 -12.68 -2.78 47.77
C SER A 287 -12.91 -1.51 46.95
N VAL A 288 -13.75 -0.62 47.50
CA VAL A 288 -14.01 0.66 46.85
C VAL A 288 -12.75 1.51 46.82
N ALA A 289 -11.98 1.50 47.91
CA ALA A 289 -10.75 2.28 47.95
C ALA A 289 -9.71 1.77 46.97
N GLU A 290 -9.68 0.45 46.73
CA GLU A 290 -8.70 -0.10 45.80
C GLU A 290 -9.04 0.25 44.35
N ILE A 291 -10.32 0.15 43.98
CA ILE A 291 -10.69 0.46 42.60
C ILE A 291 -10.69 1.97 42.38
N THR A 292 -10.93 2.76 43.43
CA THR A 292 -10.85 4.22 43.29
C THR A 292 -9.41 4.66 43.12
N ASN A 293 -8.49 4.06 43.86
CA ASN A 293 -7.07 4.37 43.69
C ASN A 293 -6.55 3.89 42.34
N ALA A 294 -7.12 2.81 41.80
CA ALA A 294 -6.74 2.34 40.48
C ALA A 294 -7.21 3.29 39.39
N CYS A 295 -8.16 4.18 39.69
CA CYS A 295 -8.62 5.15 38.71
C CYS A 295 -7.57 6.24 38.45
N PHE A 296 -6.59 6.37 39.32
CA PHE A 296 -5.52 7.35 39.15
C PHE A 296 -4.21 6.71 38.72
N GLU A 297 -4.18 5.40 38.52
CA GLU A 297 -3.03 4.74 37.92
C GLU A 297 -3.05 4.95 36.41
N PRO A 298 -1.99 5.50 35.82
CA PRO A 298 -2.02 5.78 34.38
C PRO A 298 -2.24 4.55 33.50
N ALA A 299 -1.96 3.35 34.02
CA ALA A 299 -2.07 2.13 33.22
C ALA A 299 -3.50 1.65 33.05
N ASN A 300 -4.45 2.18 33.83
CA ASN A 300 -5.85 1.79 33.73
C ASN A 300 -6.68 2.76 32.88
N GLN A 301 -6.00 3.71 32.24
CA GLN A 301 -6.70 4.77 31.47
C GLN A 301 -6.92 4.37 30.01
N MET A 302 -7.99 4.91 29.43
CA MET A 302 -8.31 4.71 27.99
CA MET A 302 -8.30 4.68 27.99
C MET A 302 -7.47 5.52 26.98
N VAL A 303 -6.70 6.44 27.53
CA VAL A 303 -5.81 7.24 26.69
C VAL A 303 -4.46 7.32 27.38
N LYS A 304 -3.39 7.00 26.63
CA LYS A 304 -2.05 6.99 27.20
C LYS A 304 -1.59 8.41 27.50
N CYS A 305 -1.52 8.74 28.78
CA CYS A 305 -1.05 10.04 29.24
C CYS A 305 -0.80 9.95 30.74
N ASP A 306 -0.21 11.01 31.29
CA ASP A 306 0.16 11.06 32.71
C ASP A 306 -0.54 12.23 33.38
N PRO A 307 -1.71 12.02 33.98
CA PRO A 307 -2.40 13.12 34.67
C PRO A 307 -1.61 13.72 35.82
N ARG A 308 -0.60 13.03 36.34
CA ARG A 308 0.29 13.65 37.31
C ARG A 308 1.07 14.80 36.70
N HIS A 309 1.26 14.80 35.38
CA HIS A 309 1.91 15.91 34.68
C HIS A 309 0.94 17.03 34.31
N GLY A 310 -0.36 16.81 34.48
CA GLY A 310 -1.35 17.83 34.15
C GLY A 310 -2.20 18.22 35.34
N LYS A 311 -3.23 19.03 35.09
CA LYS A 311 -4.14 19.50 36.12
C LYS A 311 -5.57 19.11 35.80
N TYR A 312 -6.37 18.89 36.83
CA TYR A 312 -7.75 18.47 36.68
C TYR A 312 -8.67 19.67 36.67
N MET A 313 -9.58 19.73 35.70
CA MET A 313 -10.65 20.71 35.71
C MET A 313 -12.00 20.11 36.08
N ALA A 314 -12.14 18.79 35.95
CA ALA A 314 -13.39 18.11 36.29
C ALA A 314 -13.05 16.65 36.57
N CYS A 315 -13.84 16.02 37.44
CA CYS A 315 -13.60 14.63 37.79
C CYS A 315 -14.91 14.01 38.25
N CYS A 316 -15.42 13.05 37.48
CA CYS A 316 -16.63 12.32 37.81
CA CYS A 316 -16.63 12.32 37.81
C CYS A 316 -16.29 10.86 38.08
N LEU A 317 -16.90 10.29 39.10
CA LEU A 317 -16.68 8.90 39.48
C LEU A 317 -18.00 8.16 39.38
N LEU A 318 -18.09 7.20 38.46
CA LEU A 318 -19.29 6.45 38.20
C LEU A 318 -19.07 5.01 38.67
N TYR A 319 -19.69 4.67 39.80
CA TYR A 319 -19.52 3.35 40.41
C TYR A 319 -20.63 2.41 39.96
N ARG A 320 -20.31 1.12 39.92
CA ARG A 320 -21.27 0.08 39.56
C ARG A 320 -21.10 -1.10 40.50
N GLY A 321 -22.12 -1.35 41.29
CA GLY A 321 -22.12 -2.54 42.16
C GLY A 321 -22.19 -2.26 43.64
N ASP A 322 -21.74 -3.23 44.45
CA ASP A 322 -21.74 -3.10 45.93
C ASP A 322 -20.85 -1.93 46.33
N VAL A 323 -21.41 -0.74 46.24
CA VAL A 323 -20.64 0.48 46.58
C VAL A 323 -21.44 1.25 47.61
N VAL A 324 -20.96 1.28 48.84
CA VAL A 324 -21.60 2.10 49.86
C VAL A 324 -21.09 3.54 49.72
N PRO A 325 -21.99 4.53 49.66
CA PRO A 325 -21.54 5.91 49.44
C PRO A 325 -20.56 6.41 50.48
N LYS A 326 -20.64 5.93 51.72
CA LYS A 326 -19.68 6.35 52.74
C LYS A 326 -18.29 5.79 52.46
N ASP A 327 -18.21 4.66 51.75
CA ASP A 327 -16.92 4.11 51.37
C ASP A 327 -16.28 4.92 50.25
N VAL A 328 -17.10 5.56 49.41
CA VAL A 328 -16.56 6.43 48.37
C VAL A 328 -15.97 7.69 49.00
N ASN A 329 -16.70 8.30 49.94
CA ASN A 329 -16.21 9.50 50.60
C ASN A 329 -14.90 9.22 51.34
N ALA A 330 -14.82 8.09 52.04
CA ALA A 330 -13.58 7.73 52.72
C ALA A 330 -12.46 7.50 51.72
N ALA A 331 -12.75 6.80 50.62
CA ALA A 331 -11.74 6.59 49.58
C ALA A 331 -11.38 7.90 48.88
N ILE A 332 -12.33 8.82 48.78
CA ILE A 332 -12.03 10.11 48.15
C ILE A 332 -11.25 11.01 49.11
N ALA A 333 -11.58 10.97 50.41
CA ALA A 333 -10.84 11.77 51.38
C ALA A 333 -9.37 11.37 51.43
N THR A 334 -9.06 10.10 51.23
CA THR A 334 -7.67 9.68 51.17
C THR A 334 -7.01 10.14 49.89
N ILE A 335 -7.72 10.12 48.76
CA ILE A 335 -7.08 10.64 47.52
C ILE A 335 -6.76 12.12 47.72
N LYS A 336 -7.75 12.91 48.14
CA LYS A 336 -7.48 14.35 48.22
C LYS A 336 -6.29 14.65 49.13
N THR A 337 -6.04 13.81 50.13
CA THR A 337 -5.00 14.05 51.12
C THR A 337 -3.67 13.39 50.78
N LYS A 338 -3.70 12.08 50.47
CA LYS A 338 -2.46 11.34 50.25
C LYS A 338 -1.78 11.77 48.95
N ARG A 339 -2.48 11.62 47.83
CA ARG A 339 -1.89 11.91 46.53
C ARG A 339 -1.95 13.41 46.22
N SER A 340 -0.90 13.91 45.59
CA SER A 340 -0.83 15.32 45.17
C SER A 340 -1.54 15.45 43.83
N ILE A 341 -2.87 15.56 43.90
CA ILE A 341 -3.73 15.64 42.74
C ILE A 341 -4.21 17.08 42.64
N GLN A 342 -3.52 17.88 41.84
CA GLN A 342 -3.78 19.32 41.77
C GLN A 342 -4.85 19.62 40.74
N PHE A 343 -5.90 20.32 41.18
CA PHE A 343 -6.89 20.87 40.28
C PHE A 343 -6.47 22.26 39.82
N VAL A 344 -7.14 22.75 38.77
CA VAL A 344 -6.93 24.13 38.37
C VAL A 344 -7.56 25.06 39.41
N ASP A 345 -6.97 26.25 39.57
CA ASP A 345 -7.40 27.15 40.63
C ASP A 345 -8.82 27.63 40.44
N TRP A 346 -9.32 27.64 39.20
CA TRP A 346 -10.63 28.19 38.89
C TRP A 346 -11.74 27.15 38.93
N CYS A 347 -11.46 25.95 39.42
CA CYS A 347 -12.46 24.90 39.45
C CYS A 347 -12.61 24.34 40.85
N PRO A 348 -13.83 23.93 41.22
CA PRO A 348 -14.03 23.29 42.53
C PRO A 348 -13.25 21.99 42.63
N THR A 349 -12.33 21.94 43.60
CA THR A 349 -11.55 20.73 43.86
C THR A 349 -12.48 19.70 44.51
N GLY A 350 -13.32 19.09 43.67
CA GLY A 350 -14.28 18.11 44.14
C GLY A 350 -14.44 16.99 43.13
N PHE A 351 -15.06 15.91 43.59
CA PHE A 351 -15.28 14.72 42.79
C PHE A 351 -16.77 14.41 42.77
N LYS A 352 -17.40 14.57 41.60
CA LYS A 352 -18.80 14.21 41.46
C LYS A 352 -18.93 12.69 41.41
N VAL A 353 -19.87 12.16 42.19
CA VAL A 353 -19.99 10.72 42.40
C VAL A 353 -21.39 10.28 41.99
N GLY A 354 -21.45 9.26 41.14
CA GLY A 354 -22.71 8.62 40.79
C GLY A 354 -22.60 7.12 40.94
N ILE A 355 -23.53 6.52 41.68
CA ILE A 355 -23.46 5.11 42.03
C ILE A 355 -24.64 4.39 41.40
N ASN A 356 -24.35 3.39 40.57
CA ASN A 356 -25.34 2.46 40.05
C ASN A 356 -25.14 1.14 40.79
N TYR A 357 -26.07 0.82 41.66
CA TYR A 357 -25.87 -0.32 42.57
C TYR A 357 -26.02 -1.67 41.87
N GLN A 358 -26.13 -1.74 40.55
CA GLN A 358 -26.13 -3.02 39.87
C GLN A 358 -24.71 -3.37 39.44
N PRO A 359 -24.22 -4.57 39.73
CA PRO A 359 -22.87 -4.96 39.31
C PRO A 359 -22.76 -4.96 37.79
N PRO A 360 -21.54 -4.79 37.27
CA PRO A 360 -21.39 -4.75 35.80
C PRO A 360 -21.71 -6.09 35.18
N THR A 361 -22.31 -6.05 34.00
CA THR A 361 -22.65 -7.25 33.25
C THR A 361 -21.48 -7.64 32.34
N VAL A 362 -21.05 -8.89 32.45
CA VAL A 362 -19.98 -9.42 31.62
C VAL A 362 -20.61 -10.18 30.46
N VAL A 363 -20.04 -10.00 29.26
CA VAL A 363 -20.56 -10.67 28.08
C VAL A 363 -20.01 -12.10 28.03
N PRO A 364 -20.84 -13.10 27.77
CA PRO A 364 -20.30 -14.45 27.56
C PRO A 364 -19.37 -14.48 26.35
N GLY A 365 -18.21 -15.10 26.53
CA GLY A 365 -17.16 -15.06 25.54
C GLY A 365 -16.12 -13.99 25.77
N GLY A 366 -16.38 -13.06 26.69
CA GLY A 366 -15.44 -12.00 26.97
C GLY A 366 -14.26 -12.47 27.80
N ASP A 367 -13.25 -11.62 27.86
CA ASP A 367 -12.03 -11.90 28.63
C ASP A 367 -12.06 -11.29 30.02
N LEU A 368 -13.18 -10.66 30.41
CA LEU A 368 -13.30 -10.03 31.71
C LEU A 368 -14.04 -10.95 32.67
N ALA A 369 -13.64 -10.89 33.93
CA ALA A 369 -14.28 -11.68 34.97
C ALA A 369 -15.39 -10.88 35.65
N LYS A 370 -16.31 -11.60 36.28
CA LYS A 370 -17.34 -10.94 37.07
C LYS A 370 -16.72 -10.21 38.25
N VAL A 371 -17.20 -9.00 38.50
CA VAL A 371 -16.72 -8.18 39.60
C VAL A 371 -17.91 -7.71 40.42
N GLN A 372 -17.73 -7.65 41.74
CA GLN A 372 -18.81 -7.18 42.60
C GLN A 372 -18.97 -5.66 42.51
N ARG A 373 -17.89 -4.94 42.28
CA ARG A 373 -17.95 -3.48 42.16
C ARG A 373 -16.90 -3.02 41.17
N ALA A 374 -17.28 -2.06 40.33
CA ALA A 374 -16.37 -1.43 39.39
C ALA A 374 -16.62 0.07 39.41
N VAL A 375 -15.67 0.82 38.82
CA VAL A 375 -15.77 2.27 38.80
C VAL A 375 -15.19 2.76 37.48
N CYS A 376 -15.88 3.72 36.86
CA CYS A 376 -15.38 4.42 35.69
C CYS A 376 -15.22 5.89 36.05
N MET A 377 -14.02 6.41 35.89
CA MET A 377 -13.74 7.80 36.24
C MET A 377 -13.65 8.63 34.96
N LEU A 378 -14.57 9.60 34.83
CA LEU A 378 -14.52 10.57 33.75
C LEU A 378 -13.91 11.85 34.31
N SER A 379 -12.76 12.24 33.77
CA SER A 379 -12.05 13.41 34.25
C SER A 379 -11.51 14.21 33.08
N ASN A 380 -11.59 15.54 33.19
CA ASN A 380 -11.03 16.44 32.19
C ASN A 380 -9.72 16.98 32.73
N THR A 381 -8.61 16.37 32.31
CA THR A 381 -7.28 16.76 32.72
C THR A 381 -6.50 17.29 31.53
N THR A 382 -5.60 18.24 31.79
CA THR A 382 -4.77 18.81 30.73
C THR A 382 -3.74 17.82 30.19
N ALA A 383 -3.53 16.69 30.87
CA ALA A 383 -2.54 15.73 30.42
C ALA A 383 -2.96 15.01 29.16
N ILE A 384 -4.24 15.06 28.79
CA ILE A 384 -4.69 14.46 27.54
C ILE A 384 -4.11 15.18 26.33
N ALA A 385 -3.54 16.37 26.52
CA ALA A 385 -2.85 17.07 25.43
C ALA A 385 -1.60 16.32 24.98
N GLU A 386 -1.07 15.42 25.82
CA GLU A 386 0.04 14.59 25.38
C GLU A 386 -0.35 13.72 24.20
N ALA A 387 -1.58 13.18 24.22
CA ALA A 387 -2.06 12.38 23.10
C ALA A 387 -2.17 13.23 21.83
N TRP A 388 -2.59 14.50 21.98
CA TRP A 388 -2.62 15.39 20.84
C TRP A 388 -1.21 15.68 20.33
N ALA A 389 -0.25 15.83 21.25
CA ALA A 389 1.13 16.10 20.84
C ALA A 389 1.72 14.93 20.06
N ARG A 390 1.47 13.70 20.51
CA ARG A 390 1.96 12.54 19.79
C ARG A 390 1.37 12.47 18.39
N LEU A 391 0.10 12.82 18.25
CA LEU A 391 -0.53 12.83 16.93
C LEU A 391 0.03 13.95 16.07
N ASP A 392 0.14 15.15 16.62
CA ASP A 392 0.60 16.29 15.84
C ASP A 392 2.05 16.13 15.40
N HIS A 393 2.87 15.46 16.22
CA HIS A 393 4.26 15.23 15.83
C HIS A 393 4.33 14.32 14.60
N LYS A 394 3.59 13.21 14.63
CA LYS A 394 3.54 12.34 13.45
C LYS A 394 2.93 13.06 12.25
N PHE A 395 2.01 13.99 12.50
CA PHE A 395 1.47 14.82 11.43
C PHE A 395 2.56 15.72 10.85
N ASP A 396 3.33 16.36 11.72
CA ASP A 396 4.34 17.31 11.25
C ASP A 396 5.47 16.61 10.52
N LEU A 397 5.83 15.40 10.96
CA LEU A 397 6.91 14.66 10.30
C LEU A 397 6.55 14.35 8.85
N MET A 398 5.30 13.96 8.60
CA MET A 398 4.88 13.61 7.24
C MET A 398 4.55 14.85 6.42
N TYR A 399 3.88 15.85 7.04
CA TYR A 399 3.45 17.02 6.29
C TYR A 399 4.60 17.93 5.91
N ALA A 400 5.71 17.90 6.65
CA ALA A 400 6.87 18.71 6.28
C ALA A 400 7.39 18.32 4.90
N LYS A 401 7.34 17.03 4.58
CA LYS A 401 7.72 16.55 3.26
C LYS A 401 6.54 16.40 2.32
N ARG A 402 5.33 16.78 2.76
CA ARG A 402 4.11 16.68 1.95
C ARG A 402 3.84 15.24 1.52
N ALA A 403 4.24 14.27 2.33
CA ALA A 403 4.02 12.87 2.00
C ALA A 403 2.55 12.53 2.08
N PHE A 404 2.07 11.77 1.08
CA PHE A 404 0.69 11.29 0.98
C PHE A 404 -0.32 12.41 0.79
N VAL A 405 0.13 13.66 0.63
CA VAL A 405 -0.79 14.77 0.47
C VAL A 405 -1.52 14.68 -0.86
N HIS A 406 -0.86 14.16 -1.91
CA HIS A 406 -1.50 14.05 -3.21
C HIS A 406 -2.74 13.16 -3.17
N TRP A 407 -2.75 12.18 -2.27
CA TRP A 407 -3.94 11.33 -2.14
C TRP A 407 -5.14 12.11 -1.66
N TYR A 408 -4.92 13.20 -0.92
CA TYR A 408 -6.01 14.01 -0.38
C TYR A 408 -6.45 15.10 -1.34
N VAL A 409 -5.50 15.78 -1.99
CA VAL A 409 -5.86 16.82 -2.94
C VAL A 409 -6.52 16.25 -4.20
N GLY A 410 -6.25 14.98 -4.51
CA GLY A 410 -6.89 14.35 -5.64
C GLY A 410 -8.34 13.96 -5.44
N GLU A 411 -8.84 14.09 -4.21
CA GLU A 411 -10.22 13.74 -3.89
C GLU A 411 -11.01 14.97 -3.45
N GLY A 412 -10.81 16.08 -4.14
CA GLY A 412 -11.58 17.29 -3.91
C GLY A 412 -11.34 17.95 -2.57
N MET A 413 -10.08 18.21 -2.25
CA MET A 413 -9.69 18.86 -0.97
C MET A 413 -8.46 19.72 -1.24
N GLU A 414 -8.53 21.01 -0.92
CA GLU A 414 -7.38 21.87 -1.12
C GLU A 414 -6.32 21.63 -0.05
N GLU A 415 -5.06 21.82 -0.44
CA GLU A 415 -3.95 21.55 0.46
C GLU A 415 -3.95 22.47 1.68
N GLY A 416 -4.60 23.63 1.58
CA GLY A 416 -4.68 24.53 2.71
C GLY A 416 -5.40 23.95 3.92
N GLU A 417 -6.25 22.95 3.71
CA GLU A 417 -6.95 22.34 4.83
C GLU A 417 -5.99 21.63 5.77
N PHE A 418 -4.88 21.12 5.25
CA PHE A 418 -3.86 20.50 6.10
C PHE A 418 -3.30 21.50 7.09
N SER A 419 -2.85 22.65 6.60
CA SER A 419 -2.31 23.68 7.48
C SER A 419 -3.41 24.28 8.35
N GLU A 420 -4.61 24.46 7.78
CA GLU A 420 -5.72 24.99 8.55
C GLU A 420 -6.11 24.06 9.70
N ALA A 421 -5.98 22.74 9.49
CA ALA A 421 -6.26 21.80 10.55
C ALA A 421 -5.10 21.70 11.54
N ARG A 422 -3.86 21.78 11.02
CA ARG A 422 -2.70 21.73 11.91
C ARG A 422 -2.63 22.96 12.81
N GLU A 423 -3.02 24.11 12.29
CA GLU A 423 -3.00 25.36 13.08
C GLU A 423 -4.03 25.24 14.21
N ASP A 424 -5.21 24.71 13.89
CA ASP A 424 -6.23 24.55 14.92
C ASP A 424 -5.76 23.60 16.01
N MET A 425 -4.97 22.58 15.66
CA MET A 425 -4.44 21.68 16.67
C MET A 425 -3.37 22.36 17.51
N ALA A 426 -2.57 23.22 16.89
CA ALA A 426 -1.62 24.03 17.66
C ALA A 426 -2.34 24.95 18.64
N ALA A 427 -3.51 25.45 18.25
CA ALA A 427 -4.31 26.24 19.18
C ALA A 427 -4.93 25.37 20.27
N LEU A 428 -5.26 24.11 19.94
CA LEU A 428 -5.79 23.21 20.95
C LEU A 428 -4.73 22.86 21.99
N GLU A 429 -3.50 22.57 21.54
CA GLU A 429 -2.40 22.35 22.48
C GLU A 429 -2.16 23.61 23.32
N LYS A 430 -2.22 24.79 22.69
CA LYS A 430 -2.10 26.02 23.44
C LYS A 430 -3.26 26.19 24.42
N ASP A 431 -4.46 25.77 24.02
CA ASP A 431 -5.61 25.87 24.91
C ASP A 431 -5.40 25.07 26.19
N TYR A 432 -4.73 23.93 26.09
CA TYR A 432 -4.38 23.16 27.28
C TYR A 432 -3.25 23.81 28.07
N GLU A 433 -2.49 24.70 27.46
CA GLU A 433 -1.38 25.35 28.15
C GLU A 433 -1.87 26.52 28.99
N GLU A 434 -2.78 27.34 28.46
CA GLU A 434 -3.31 28.47 29.23
C GLU A 434 -4.14 28.01 30.42
N VAL A 435 -4.65 26.78 30.40
CA VAL A 435 -5.44 26.29 31.53
C VAL A 435 -4.54 25.73 32.62
N GLY A 436 -3.57 24.90 32.24
CA GLY A 436 -2.67 24.31 33.20
C GLY A 436 -1.21 24.54 32.89
N VAL A 437 -0.52 25.26 33.77
CA VAL A 437 0.90 25.57 33.57
C VAL A 437 1.72 24.96 34.70
N MET B 1 -14.97 -2.39 -3.75
CA MET B 1 -13.57 -2.69 -4.15
C MET B 1 -13.33 -4.21 -4.12
N ARG B 2 -13.62 -4.90 -5.23
CA ARG B 2 -13.37 -6.33 -5.28
C ARG B 2 -12.69 -6.78 -6.57
N GLU B 3 -13.37 -6.61 -7.69
CA GLU B 3 -12.97 -7.27 -8.93
C GLU B 3 -11.85 -6.51 -9.64
N ILE B 4 -10.85 -7.28 -10.10
CA ILE B 4 -9.69 -6.75 -10.81
C ILE B 4 -9.69 -7.31 -12.22
N VAL B 5 -9.42 -6.44 -13.19
CA VAL B 5 -9.30 -6.85 -14.59
C VAL B 5 -7.81 -7.03 -14.89
N HIS B 6 -7.41 -8.27 -15.17
CA HIS B 6 -6.03 -8.59 -15.47
C HIS B 6 -5.79 -8.48 -16.97
N ILE B 7 -4.63 -7.91 -17.34
CA ILE B 7 -4.22 -7.78 -18.73
C ILE B 7 -2.79 -8.27 -18.84
N GLN B 8 -2.50 -8.98 -19.93
CA GLN B 8 -1.14 -9.43 -20.23
C GLN B 8 -0.83 -9.11 -21.68
N ALA B 9 0.15 -8.23 -21.90
CA ALA B 9 0.56 -7.81 -23.23
C ALA B 9 1.98 -8.29 -23.52
N GLY B 10 2.23 -8.66 -24.77
CA GLY B 10 3.53 -9.11 -25.18
C GLY B 10 3.80 -10.55 -24.77
N GLN B 11 4.95 -11.05 -25.23
CA GLN B 11 5.34 -12.43 -24.93
C GLN B 11 5.61 -12.61 -23.43
N CYS B 12 6.40 -11.71 -22.85
CA CYS B 12 6.70 -11.81 -21.42
C CYS B 12 5.46 -11.62 -20.57
N GLY B 13 4.60 -10.67 -20.94
CA GLY B 13 3.38 -10.44 -20.18
C GLY B 13 2.47 -11.65 -20.15
N ASN B 14 2.31 -12.32 -21.31
CA ASN B 14 1.50 -13.52 -21.35
C ASN B 14 2.20 -14.70 -20.71
N GLN B 15 3.55 -14.74 -20.78
CA GLN B 15 4.28 -15.85 -20.20
C GLN B 15 4.23 -15.80 -18.67
N ILE B 16 4.62 -14.67 -18.08
CA ILE B 16 4.54 -14.53 -16.63
C ILE B 16 3.09 -14.37 -16.18
N GLY B 17 2.20 -13.93 -17.07
CA GLY B 17 0.79 -13.83 -16.70
C GLY B 17 0.12 -15.19 -16.63
N ALA B 18 0.45 -16.08 -17.56
CA ALA B 18 -0.08 -17.44 -17.50
C ALA B 18 0.45 -18.17 -16.27
N LYS B 19 1.71 -17.93 -15.90
CA LYS B 19 2.25 -18.52 -14.69
C LYS B 19 1.59 -17.95 -13.44
N PHE B 20 1.11 -16.71 -13.51
CA PHE B 20 0.38 -16.13 -12.39
C PHE B 20 -0.94 -16.85 -12.18
N TRP B 21 -1.70 -17.07 -13.27
CA TRP B 21 -2.98 -17.75 -13.15
C TRP B 21 -2.80 -19.20 -12.74
N GLU B 22 -1.74 -19.86 -13.24
CA GLU B 22 -1.49 -21.24 -12.86
C GLU B 22 -1.18 -21.37 -11.37
N VAL B 23 -0.52 -20.37 -10.79
CA VAL B 23 -0.11 -20.44 -9.39
C VAL B 23 -1.28 -20.13 -8.46
N ILE B 24 -2.01 -19.05 -8.75
CA ILE B 24 -3.06 -18.63 -7.83
C ILE B 24 -4.29 -19.53 -7.93
N SER B 25 -4.51 -20.15 -9.09
CA SER B 25 -5.61 -21.09 -9.21
C SER B 25 -5.36 -22.33 -8.37
N ASP B 26 -4.11 -22.77 -8.26
CA ASP B 26 -3.79 -23.88 -7.38
C ASP B 26 -3.99 -23.51 -5.92
N GLU B 27 -3.68 -22.26 -5.56
CA GLU B 27 -3.89 -21.81 -4.19
C GLU B 27 -5.38 -21.68 -3.88
N HIS B 28 -6.18 -21.26 -4.85
CA HIS B 28 -7.61 -21.12 -4.69
C HIS B 28 -8.37 -22.41 -4.97
N GLY B 29 -7.67 -23.49 -5.30
CA GLY B 29 -8.31 -24.77 -5.57
C GLY B 29 -9.13 -24.80 -6.84
N ILE B 30 -8.62 -24.21 -7.92
CA ILE B 30 -9.33 -24.15 -9.19
C ILE B 30 -8.51 -24.94 -10.21
N ASP B 31 -9.11 -26.00 -10.74
CA ASP B 31 -8.47 -26.83 -11.76
C ASP B 31 -8.59 -26.17 -13.13
N PRO B 32 -7.78 -26.60 -14.11
CA PRO B 32 -7.81 -25.94 -15.43
C PRO B 32 -9.19 -25.89 -16.08
N THR B 33 -10.10 -26.81 -15.75
CA THR B 33 -11.43 -26.75 -16.31
C THR B 33 -12.27 -25.62 -15.72
N GLY B 34 -11.87 -25.07 -14.58
CA GLY B 34 -12.55 -23.93 -13.97
C GLY B 34 -13.38 -24.26 -12.75
N SER B 35 -13.41 -25.51 -12.31
CA SER B 35 -14.19 -25.90 -11.15
C SER B 35 -13.38 -25.72 -9.87
N TYR B 36 -14.10 -25.67 -8.75
CA TYR B 36 -13.47 -25.61 -7.44
C TYR B 36 -13.14 -27.01 -6.96
N HIS B 37 -11.91 -27.21 -6.49
CA HIS B 37 -11.48 -28.52 -6.01
C HIS B 37 -10.71 -28.43 -4.70
N GLY B 38 -10.83 -27.33 -3.96
CA GLY B 38 -10.15 -27.16 -2.70
C GLY B 38 -11.03 -27.50 -1.50
N ASP B 39 -10.42 -27.43 -0.32
CA ASP B 39 -11.09 -27.75 0.93
C ASP B 39 -10.77 -26.68 1.98
N SER B 40 -11.14 -25.43 1.65
CA SER B 40 -10.94 -24.32 2.57
C SER B 40 -11.90 -23.20 2.18
N ASP B 41 -12.53 -22.55 3.14
CA ASP B 41 -13.53 -21.51 2.76
C ASP B 41 -12.82 -20.21 2.38
N LEU B 42 -11.56 -20.05 2.77
CA LEU B 42 -10.81 -18.80 2.51
C LEU B 42 -10.43 -18.69 1.03
N GLN B 43 -10.70 -19.74 0.26
CA GLN B 43 -10.32 -19.73 -1.17
C GLN B 43 -11.45 -19.11 -1.99
N LEU B 44 -12.61 -18.88 -1.40
CA LEU B 44 -13.67 -18.21 -2.21
C LEU B 44 -14.06 -16.90 -1.52
N GLU B 45 -13.62 -16.70 -0.28
CA GLU B 45 -14.06 -15.50 0.44
C GLU B 45 -13.89 -14.25 -0.41
N ARG B 46 -12.84 -14.20 -1.24
CA ARG B 46 -12.60 -13.09 -2.15
C ARG B 46 -12.18 -13.62 -3.52
N ILE B 47 -12.84 -14.69 -3.97
CA ILE B 47 -12.49 -15.28 -5.26
C ILE B 47 -12.94 -14.41 -6.42
N ASN B 48 -13.95 -13.56 -6.22
CA ASN B 48 -14.43 -12.67 -7.28
C ASN B 48 -13.45 -11.56 -7.60
N VAL B 49 -12.30 -11.49 -6.91
CA VAL B 49 -11.33 -10.44 -7.17
C VAL B 49 -10.66 -10.66 -8.52
N TYR B 50 -10.36 -11.91 -8.87
CA TYR B 50 -9.68 -12.23 -10.11
C TYR B 50 -10.46 -13.12 -11.06
N TYR B 51 -11.50 -13.82 -10.58
CA TYR B 51 -12.25 -14.76 -11.39
C TYR B 51 -13.71 -14.32 -11.50
N ASN B 52 -14.31 -14.59 -12.65
CA ASN B 52 -15.74 -14.39 -12.88
C ASN B 52 -16.46 -15.71 -12.73
N GLU B 53 -17.48 -15.74 -11.88
CA GLU B 53 -18.32 -16.93 -11.76
C GLU B 53 -19.19 -17.06 -13.01
N ALA B 54 -19.09 -18.22 -13.67
CA ALA B 54 -19.71 -18.41 -14.97
C ALA B 54 -20.94 -19.29 -14.79
N THR B 55 -20.85 -20.59 -15.09
CA THR B 55 -22.03 -21.47 -15.06
C THR B 55 -21.62 -22.80 -14.46
N GLY B 56 -22.31 -23.21 -13.40
CA GLY B 56 -22.04 -24.49 -12.76
C GLY B 56 -20.74 -24.51 -12.00
N ASN B 57 -20.56 -23.54 -11.09
CA ASN B 57 -19.36 -23.43 -10.27
C ASN B 57 -18.10 -23.35 -11.13
N LYS B 58 -18.19 -22.62 -12.24
CA LYS B 58 -17.07 -22.41 -13.14
C LYS B 58 -16.52 -21.01 -12.94
N TYR B 59 -15.24 -20.91 -12.57
CA TYR B 59 -14.59 -19.63 -12.31
C TYR B 59 -13.67 -19.30 -13.48
N VAL B 60 -14.08 -18.34 -14.30
CA VAL B 60 -13.29 -17.92 -15.46
C VAL B 60 -12.40 -16.75 -15.03
N PRO B 61 -11.08 -16.84 -15.25
CA PRO B 61 -10.19 -15.74 -14.86
C PRO B 61 -10.52 -14.46 -15.62
N ARG B 62 -10.71 -13.38 -14.87
CA ARG B 62 -10.93 -12.06 -15.45
C ARG B 62 -9.61 -11.55 -16.01
N ALA B 63 -9.23 -12.10 -17.16
CA ALA B 63 -7.95 -11.82 -17.77
C ALA B 63 -8.13 -11.50 -19.25
N ILE B 64 -7.27 -10.63 -19.77
CA ILE B 64 -7.27 -10.24 -21.17
C ILE B 64 -5.87 -10.49 -21.72
N LEU B 65 -5.78 -11.30 -22.77
CA LEU B 65 -4.51 -11.71 -23.35
C LEU B 65 -4.27 -10.94 -24.64
N VAL B 66 -3.21 -10.14 -24.68
CA VAL B 66 -2.90 -9.29 -25.81
C VAL B 66 -1.49 -9.57 -26.29
N ASP B 67 -1.28 -9.49 -27.60
CA ASP B 67 0.03 -9.58 -28.23
C ASP B 67 -0.10 -9.20 -29.68
N LEU B 68 1.01 -8.82 -30.30
CA LEU B 68 1.02 -8.44 -31.70
C LEU B 68 1.35 -9.61 -32.62
N GLU B 69 2.17 -10.55 -32.17
CA GLU B 69 2.41 -11.71 -33.01
C GLU B 69 1.54 -12.88 -32.57
N PRO B 70 0.91 -13.59 -33.51
CA PRO B 70 -0.01 -14.68 -33.14
C PRO B 70 0.69 -15.93 -32.60
N GLY B 71 2.02 -15.92 -32.48
CA GLY B 71 2.71 -17.08 -31.95
C GLY B 71 2.35 -17.37 -30.51
N THR B 72 2.05 -16.34 -29.73
CA THR B 72 1.66 -16.52 -28.34
C THR B 72 0.19 -16.93 -28.19
N MET B 73 -0.60 -16.87 -29.27
CA MET B 73 -1.98 -17.32 -29.20
C MET B 73 -2.04 -18.80 -28.82
N ASP B 74 -1.27 -19.63 -29.51
CA ASP B 74 -1.20 -21.05 -29.21
C ASP B 74 -0.26 -21.37 -28.06
N SER B 75 0.54 -20.41 -27.61
CA SER B 75 1.48 -20.66 -26.52
C SER B 75 0.76 -20.76 -25.18
N VAL B 76 -0.26 -19.92 -24.96
CA VAL B 76 -1.01 -19.98 -23.72
C VAL B 76 -1.87 -21.24 -23.66
N ARG B 77 -2.54 -21.57 -24.77
CA ARG B 77 -3.38 -22.77 -24.80
C ARG B 77 -2.56 -24.03 -24.64
N SER B 78 -1.30 -24.02 -25.09
CA SER B 78 -0.42 -25.17 -24.88
C SER B 78 -0.11 -25.40 -23.41
N GLY B 79 -0.28 -24.38 -22.57
CA GLY B 79 -0.04 -24.51 -21.16
C GLY B 79 -1.14 -25.27 -20.46
N PRO B 80 -1.03 -25.39 -19.14
CA PRO B 80 -2.03 -26.16 -18.38
C PRO B 80 -3.39 -25.48 -18.35
N PHE B 81 -3.41 -24.20 -17.96
CA PHE B 81 -4.64 -23.44 -17.84
C PHE B 81 -4.99 -22.66 -19.11
N GLY B 82 -4.57 -23.17 -20.28
CA GLY B 82 -4.85 -22.45 -21.51
C GLY B 82 -6.31 -22.48 -21.90
N GLN B 83 -7.04 -23.51 -21.49
CA GLN B 83 -8.46 -23.64 -21.79
C GLN B 83 -9.34 -22.89 -20.81
N ILE B 84 -8.80 -22.40 -19.71
CA ILE B 84 -9.60 -21.67 -18.73
C ILE B 84 -9.80 -20.22 -19.14
N PHE B 85 -9.00 -19.70 -20.07
CA PHE B 85 -9.16 -18.33 -20.53
C PHE B 85 -10.31 -18.24 -21.52
N ARG B 86 -11.10 -17.18 -21.39
CA ARG B 86 -12.24 -16.99 -22.28
C ARG B 86 -11.75 -16.72 -23.70
N PRO B 87 -12.30 -17.39 -24.71
CA PRO B 87 -11.86 -17.14 -26.09
C PRO B 87 -12.13 -15.73 -26.57
N ASP B 88 -13.09 -15.02 -25.95
CA ASP B 88 -13.38 -13.65 -26.37
C ASP B 88 -12.26 -12.69 -25.98
N ASN B 89 -11.53 -12.99 -24.91
CA ASN B 89 -10.48 -12.11 -24.40
C ASN B 89 -9.14 -12.29 -25.12
N PHE B 90 -9.11 -13.02 -26.24
CA PHE B 90 -7.89 -13.21 -27.01
C PHE B 90 -7.86 -12.15 -28.10
N VAL B 91 -7.15 -11.05 -27.86
CA VAL B 91 -7.06 -9.94 -28.80
C VAL B 91 -5.61 -9.87 -29.27
N PHE B 92 -5.34 -10.49 -30.42
CA PHE B 92 -4.00 -10.58 -30.97
C PHE B 92 -3.99 -10.02 -32.38
N GLY B 93 -2.82 -9.51 -32.79
CA GLY B 93 -2.66 -8.88 -34.08
C GLY B 93 -2.05 -9.81 -35.12
N GLN B 94 -1.68 -9.22 -36.25
CA GLN B 94 -1.13 -9.97 -37.37
C GLN B 94 0.40 -10.06 -37.29
N SER B 95 1.07 -8.91 -37.29
CA SER B 95 2.53 -8.85 -37.24
C SER B 95 2.98 -8.33 -35.87
N GLY B 96 4.10 -8.85 -35.41
CA GLY B 96 4.66 -8.44 -34.14
C GLY B 96 5.27 -7.06 -34.21
N ALA B 97 5.93 -6.68 -33.12
CA ALA B 97 6.58 -5.38 -33.03
C ALA B 97 8.09 -5.45 -33.23
N GLY B 98 8.70 -6.62 -33.05
CA GLY B 98 10.13 -6.76 -33.26
C GLY B 98 10.97 -5.91 -32.34
N ASN B 99 10.64 -5.90 -31.05
CA ASN B 99 11.34 -5.13 -30.03
C ASN B 99 11.35 -3.64 -30.33
N ASN B 100 10.39 -3.15 -31.10
CA ASN B 100 10.26 -1.74 -31.43
C ASN B 100 9.16 -1.13 -30.57
N TRP B 101 9.56 -0.25 -29.64
CA TRP B 101 8.60 0.39 -28.76
C TRP B 101 7.62 1.26 -29.54
N ALA B 102 8.10 1.91 -30.60
CA ALA B 102 7.22 2.76 -31.40
C ALA B 102 6.22 1.94 -32.20
N LYS B 103 6.58 0.70 -32.57
CA LYS B 103 5.64 -0.14 -33.30
C LYS B 103 4.45 -0.53 -32.45
N GLY B 104 4.64 -0.70 -31.13
CA GLY B 104 3.53 -1.02 -30.26
C GLY B 104 2.75 0.19 -29.80
N HIS B 105 3.39 1.36 -29.75
CA HIS B 105 2.76 2.55 -29.20
C HIS B 105 2.11 3.44 -30.25
N TYR B 106 2.52 3.36 -31.52
CA TYR B 106 2.07 4.34 -32.50
C TYR B 106 1.50 3.72 -33.76
N THR B 107 2.05 2.58 -34.20
CA THR B 107 1.66 2.01 -35.49
C THR B 107 0.89 0.72 -35.25
N GLU B 108 1.56 -0.43 -35.18
CA GLU B 108 0.83 -1.70 -35.12
C GLU B 108 -0.01 -1.82 -33.87
N GLY B 109 0.57 -1.52 -32.70
CA GLY B 109 -0.16 -1.62 -31.46
C GLY B 109 -1.32 -0.65 -31.37
N ALA B 110 -1.15 0.56 -31.93
CA ALA B 110 -2.24 1.54 -31.93
C ALA B 110 -3.39 1.10 -32.83
N GLU B 111 -3.10 0.32 -33.87
CA GLU B 111 -4.16 -0.16 -34.75
C GLU B 111 -5.04 -1.19 -34.04
N LEU B 112 -4.46 -1.98 -33.13
CA LEU B 112 -5.19 -3.06 -32.47
C LEU B 112 -5.61 -2.70 -31.04
N VAL B 113 -5.13 -1.58 -30.51
CA VAL B 113 -5.45 -1.21 -29.13
C VAL B 113 -6.95 -0.92 -28.96
N ASP B 114 -7.62 -0.49 -30.02
CA ASP B 114 -9.05 -0.23 -29.92
C ASP B 114 -9.84 -1.52 -29.71
N SER B 115 -9.35 -2.63 -30.27
CA SER B 115 -10.03 -3.90 -30.07
C SER B 115 -9.87 -4.40 -28.63
N VAL B 116 -8.75 -4.07 -27.99
CA VAL B 116 -8.55 -4.47 -26.60
C VAL B 116 -9.46 -3.66 -25.69
N LEU B 117 -9.62 -2.36 -25.96
CA LEU B 117 -10.48 -1.52 -25.15
C LEU B 117 -11.93 -1.98 -25.22
N ASP B 118 -12.33 -2.61 -26.32
CA ASP B 118 -13.67 -3.17 -26.41
C ASP B 118 -13.86 -4.33 -25.42
N VAL B 119 -12.85 -5.20 -25.31
CA VAL B 119 -12.94 -6.31 -24.37
C VAL B 119 -12.74 -5.81 -22.93
N VAL B 120 -11.94 -4.76 -22.75
CA VAL B 120 -11.80 -4.16 -21.42
C VAL B 120 -13.15 -3.59 -20.96
N ARG B 121 -13.84 -2.89 -21.85
CA ARG B 121 -15.16 -2.35 -21.50
C ARG B 121 -16.16 -3.46 -21.21
N LYS B 122 -16.08 -4.56 -21.97
CA LYS B 122 -17.00 -5.68 -21.75
C LYS B 122 -16.78 -6.31 -20.39
N GLU B 123 -15.51 -6.48 -19.99
CA GLU B 123 -15.22 -7.03 -18.68
C GLU B 123 -15.45 -6.01 -17.57
N SER B 124 -15.21 -4.72 -17.84
CA SER B 124 -15.41 -3.70 -16.81
C SER B 124 -16.89 -3.46 -16.54
N GLU B 125 -17.72 -3.45 -17.59
CA GLU B 125 -19.14 -3.28 -17.40
C GLU B 125 -19.79 -4.49 -16.74
N SER B 126 -19.14 -5.65 -16.80
CA SER B 126 -19.60 -6.84 -16.11
C SER B 126 -19.10 -6.90 -14.67
N CYS B 127 -18.57 -5.79 -14.15
CA CYS B 127 -18.05 -5.73 -12.79
C CYS B 127 -19.04 -4.99 -11.89
N ASP B 128 -19.28 -5.54 -10.70
CA ASP B 128 -20.15 -4.89 -9.73
C ASP B 128 -19.45 -3.73 -9.03
N CYS B 129 -18.21 -3.97 -8.57
CA CYS B 129 -17.41 -2.95 -7.90
C CYS B 129 -15.94 -3.13 -8.31
N LEU B 130 -15.64 -2.71 -9.54
CA LEU B 130 -14.28 -2.83 -10.06
C LEU B 130 -13.35 -1.88 -9.31
N GLN B 131 -12.21 -2.41 -8.86
CA GLN B 131 -11.24 -1.61 -8.14
C GLN B 131 -10.11 -1.08 -9.01
N GLY B 132 -9.81 -1.76 -10.12
CA GLY B 132 -8.76 -1.28 -10.99
C GLY B 132 -8.28 -2.39 -11.91
N PHE B 133 -7.12 -2.16 -12.52
CA PHE B 133 -6.55 -3.06 -13.51
C PHE B 133 -5.13 -3.42 -13.10
N GLN B 134 -4.75 -4.66 -13.42
CA GLN B 134 -3.37 -5.11 -13.27
C GLN B 134 -2.87 -5.60 -14.62
N LEU B 135 -1.62 -5.28 -14.93
CA LEU B 135 -1.04 -5.59 -16.23
C LEU B 135 0.35 -6.19 -16.06
N THR B 136 0.56 -7.36 -16.66
CA THR B 136 1.86 -7.98 -16.72
C THR B 136 2.46 -7.73 -18.10
N HIS B 137 3.70 -7.28 -18.09
CA HIS B 137 4.40 -6.94 -19.35
C HIS B 137 5.88 -6.68 -19.09
N SER B 138 6.66 -6.76 -20.15
CA SER B 138 8.08 -6.42 -20.09
C SER B 138 8.29 -5.04 -20.71
N LEU B 139 9.39 -4.41 -20.30
CA LEU B 139 9.74 -3.09 -20.80
C LEU B 139 10.75 -3.12 -21.93
N GLY B 140 11.42 -4.24 -22.16
CA GLY B 140 12.46 -4.32 -23.16
C GLY B 140 11.97 -4.60 -24.57
N GLY B 141 10.75 -5.12 -24.70
CA GLY B 141 10.18 -5.47 -25.97
C GLY B 141 9.46 -4.31 -26.64
N GLY B 142 8.59 -4.66 -27.59
CA GLY B 142 7.83 -3.67 -28.31
C GLY B 142 6.34 -3.71 -28.02
N THR B 143 5.81 -4.92 -27.84
CA THR B 143 4.38 -5.07 -27.59
C THR B 143 4.05 -4.77 -26.13
N GLY B 144 4.61 -5.55 -25.20
CA GLY B 144 4.32 -5.33 -23.79
C GLY B 144 4.77 -3.99 -23.28
N SER B 145 5.79 -3.40 -23.90
CA SER B 145 6.30 -2.10 -23.50
C SER B 145 5.60 -0.97 -24.26
N GLY B 146 5.71 -0.98 -25.59
CA GLY B 146 5.15 0.10 -26.38
C GLY B 146 3.63 0.11 -26.36
N MET B 147 3.01 -1.05 -26.61
CA MET B 147 1.56 -1.13 -26.60
C MET B 147 1.00 -1.22 -25.19
N GLY B 148 1.71 -1.87 -24.28
CA GLY B 148 1.24 -1.95 -22.90
C GLY B 148 1.05 -0.58 -22.29
N THR B 149 2.01 0.32 -22.50
CA THR B 149 1.87 1.68 -21.99
C THR B 149 0.76 2.44 -22.71
N LEU B 150 0.55 2.14 -24.00
CA LEU B 150 -0.56 2.75 -24.72
C LEU B 150 -1.89 2.27 -24.16
N LEU B 151 -2.01 0.97 -23.88
CA LEU B 151 -3.22 0.45 -23.25
C LEU B 151 -3.44 1.08 -21.88
N ILE B 152 -2.35 1.32 -21.14
CA ILE B 152 -2.47 1.96 -19.83
C ILE B 152 -3.05 3.36 -19.97
N SER B 153 -2.57 4.12 -20.95
CA SER B 153 -3.03 5.49 -21.11
C SER B 153 -4.48 5.55 -21.56
N LYS B 154 -4.86 4.70 -22.52
CA LYS B 154 -6.24 4.72 -23.02
C LYS B 154 -7.22 4.20 -21.98
N ILE B 155 -6.81 3.27 -21.15
CA ILE B 155 -7.72 2.69 -20.12
C ILE B 155 -7.88 3.72 -19.00
N ARG B 156 -6.81 4.45 -18.69
CA ARG B 156 -6.86 5.47 -17.61
C ARG B 156 -7.81 6.59 -18.03
N GLU B 157 -7.79 6.94 -19.31
CA GLU B 157 -8.64 8.04 -19.82
C GLU B 157 -10.10 7.60 -19.75
N GLU B 158 -10.32 6.30 -19.73
CA GLU B 158 -11.68 5.76 -19.67
C GLU B 158 -12.11 5.44 -18.24
N TYR B 159 -11.16 5.10 -17.38
CA TYR B 159 -11.43 4.79 -15.97
C TYR B 159 -10.44 5.56 -15.12
N PRO B 160 -10.66 6.87 -14.92
CA PRO B 160 -9.70 7.66 -14.14
C PRO B 160 -9.69 7.34 -12.67
N ASP B 161 -10.84 6.95 -12.09
CA ASP B 161 -10.92 6.66 -10.67
CA ASP B 161 -10.92 6.65 -10.67
C ASP B 161 -10.44 5.25 -10.32
N ARG B 162 -10.07 4.44 -11.29
CA ARG B 162 -9.60 3.09 -11.03
C ARG B 162 -8.09 3.07 -10.84
N ILE B 163 -7.62 2.05 -10.15
CA ILE B 163 -6.21 1.90 -9.82
C ILE B 163 -5.49 1.22 -10.98
N MET B 164 -4.40 1.82 -11.44
CA MET B 164 -3.57 1.27 -12.51
C MET B 164 -2.37 0.58 -11.86
N ASN B 165 -2.38 -0.75 -11.86
CA ASN B 165 -1.29 -1.55 -11.32
C ASN B 165 -0.61 -2.30 -12.45
N THR B 166 0.72 -2.37 -12.41
CA THR B 166 1.49 -3.07 -13.44
C THR B 166 2.55 -3.95 -12.79
N PHE B 167 2.82 -5.06 -13.45
CA PHE B 167 3.95 -5.93 -13.15
C PHE B 167 4.91 -5.80 -14.32
N SER B 168 5.80 -4.80 -14.24
CA SER B 168 6.71 -4.48 -15.33
C SER B 168 8.02 -5.23 -15.13
N VAL B 169 8.53 -5.80 -16.22
CA VAL B 169 9.75 -6.61 -16.18
C VAL B 169 10.88 -5.78 -16.76
N MET B 170 11.83 -5.40 -15.92
CA MET B 170 12.96 -4.59 -16.36
C MET B 170 13.91 -5.44 -17.21
N PRO B 171 14.49 -4.88 -18.27
CA PRO B 171 15.41 -5.65 -19.10
C PRO B 171 16.79 -5.74 -18.48
N SER B 172 17.57 -6.70 -18.99
CA SER B 172 18.92 -6.93 -18.50
C SER B 172 19.72 -7.64 -19.58
N PRO B 173 20.95 -7.23 -19.85
CA PRO B 173 21.77 -7.95 -20.83
C PRO B 173 22.10 -9.37 -20.39
N LYS B 174 22.01 -9.68 -19.10
CA LYS B 174 22.25 -11.02 -18.62
C LYS B 174 21.21 -12.02 -19.12
N VAL B 175 20.01 -11.54 -19.45
CA VAL B 175 18.93 -12.39 -19.93
C VAL B 175 18.70 -12.22 -21.43
N SER B 176 18.70 -10.99 -21.92
CA SER B 176 18.52 -10.71 -23.34
C SER B 176 19.51 -9.62 -23.74
N ASP B 177 20.43 -9.97 -24.62
N ASP B 177 20.44 -9.97 -24.62
CA ASP B 177 21.47 -9.05 -25.08
CA ASP B 177 21.48 -9.03 -25.06
C ASP B 177 21.02 -8.17 -26.24
C ASP B 177 21.01 -8.18 -26.25
N THR B 178 19.76 -7.74 -26.24
CA THR B 178 19.24 -6.86 -27.28
C THR B 178 19.47 -5.42 -26.85
N VAL B 179 20.14 -4.64 -27.70
CA VAL B 179 20.64 -3.33 -27.27
C VAL B 179 19.58 -2.23 -27.32
N VAL B 180 18.46 -2.45 -28.01
CA VAL B 180 17.40 -1.45 -28.06
C VAL B 180 16.43 -1.56 -26.89
N GLU B 181 16.65 -2.51 -25.99
CA GLU B 181 15.78 -2.68 -24.83
C GLU B 181 15.92 -1.52 -23.84
N PRO B 182 17.11 -0.96 -23.61
CA PRO B 182 17.16 0.30 -22.85
C PRO B 182 16.32 1.41 -23.44
N TYR B 183 16.19 1.45 -24.77
CA TYR B 183 15.29 2.41 -25.40
C TYR B 183 13.85 2.15 -24.98
N ASN B 184 13.37 0.92 -25.19
CA ASN B 184 11.98 0.60 -24.91
C ASN B 184 11.65 0.72 -23.43
N ALA B 185 12.61 0.41 -22.55
CA ALA B 185 12.36 0.51 -21.12
C ALA B 185 12.26 1.95 -20.67
N THR B 186 13.16 2.81 -21.15
CA THR B 186 13.15 4.22 -20.77
C THR B 186 11.86 4.90 -21.23
N LEU B 187 11.45 4.65 -22.48
CA LEU B 187 10.20 5.21 -22.97
C LEU B 187 9.01 4.67 -22.20
N SER B 188 9.06 3.40 -21.79
CA SER B 188 7.96 2.84 -21.01
C SER B 188 7.95 3.38 -19.59
N VAL B 189 9.12 3.50 -18.95
CA VAL B 189 9.20 4.06 -17.61
C VAL B 189 8.66 5.48 -17.60
N HIS B 190 8.95 6.24 -18.66
CA HIS B 190 8.39 7.58 -18.78
C HIS B 190 6.86 7.56 -18.77
N GLN B 191 6.27 6.51 -19.37
CA GLN B 191 4.82 6.38 -19.36
C GLN B 191 4.31 5.84 -18.02
N LEU B 192 5.06 4.92 -17.41
CA LEU B 192 4.62 4.33 -16.14
C LEU B 192 4.63 5.34 -15.02
N VAL B 193 5.47 6.37 -15.10
CA VAL B 193 5.52 7.39 -14.06
C VAL B 193 4.23 8.19 -14.03
N GLU B 194 3.65 8.45 -15.20
CA GLU B 194 2.50 9.34 -15.29
C GLU B 194 1.16 8.62 -15.23
N ASN B 195 1.10 7.36 -15.66
CA ASN B 195 -0.19 6.71 -15.90
C ASN B 195 -0.44 5.48 -15.05
N THR B 196 0.44 5.11 -14.12
CA THR B 196 0.22 3.97 -13.25
C THR B 196 0.28 4.41 -11.79
N ASP B 197 -0.52 3.74 -10.97
CA ASP B 197 -0.54 4.03 -9.54
C ASP B 197 0.42 3.16 -8.74
N GLU B 198 0.61 1.91 -9.17
CA GLU B 198 1.51 0.99 -8.49
C GLU B 198 2.20 0.13 -9.53
N THR B 199 3.53 0.14 -9.55
CA THR B 199 4.31 -0.66 -10.48
C THR B 199 5.25 -1.56 -9.69
N TYR B 200 5.17 -2.86 -9.93
CA TYR B 200 6.07 -3.83 -9.32
C TYR B 200 7.26 -4.02 -10.24
N CYS B 201 8.43 -3.56 -9.82
CA CYS B 201 9.64 -3.64 -10.62
C CYS B 201 10.22 -5.06 -10.51
N ILE B 202 9.96 -5.88 -11.51
CA ILE B 202 10.51 -7.23 -11.58
C ILE B 202 11.70 -7.17 -12.52
N ASP B 203 12.89 -7.04 -11.96
CA ASP B 203 14.12 -6.85 -12.74
C ASP B 203 14.68 -8.19 -13.17
N ASN B 204 14.83 -8.37 -14.48
CA ASN B 204 15.44 -9.60 -15.00
C ASN B 204 16.88 -9.74 -14.54
N GLU B 205 17.55 -8.63 -14.26
CA GLU B 205 18.90 -8.68 -13.72
C GLU B 205 18.93 -9.39 -12.37
N ALA B 206 17.97 -9.07 -11.50
CA ALA B 206 17.90 -9.74 -10.20
C ALA B 206 17.44 -11.19 -10.35
N LEU B 207 16.51 -11.44 -11.28
CA LEU B 207 16.06 -12.81 -11.51
C LEU B 207 17.21 -13.71 -11.94
N TYR B 208 18.07 -13.21 -12.84
CA TYR B 208 19.21 -13.99 -13.28
C TYR B 208 20.22 -14.17 -12.15
N ASP B 209 20.44 -13.13 -11.35
CA ASP B 209 21.43 -13.22 -10.28
C ASP B 209 21.01 -14.20 -9.20
N ILE B 210 19.71 -14.24 -8.87
CA ILE B 210 19.25 -15.19 -7.86
C ILE B 210 19.39 -16.62 -8.35
N CYS B 211 19.05 -16.86 -9.62
CA CYS B 211 19.18 -18.22 -10.17
C CYS B 211 20.64 -18.61 -10.33
N PHE B 212 21.46 -17.70 -10.86
CA PHE B 212 22.85 -18.03 -11.15
C PHE B 212 23.68 -18.16 -9.87
N ARG B 213 23.56 -17.20 -8.97
CA ARG B 213 24.41 -17.15 -7.78
C ARG B 213 23.79 -17.89 -6.60
N THR B 214 22.57 -17.52 -6.21
CA THR B 214 21.95 -18.11 -5.02
C THR B 214 21.50 -19.54 -5.29
N LEU B 215 20.62 -19.72 -6.29
CA LEU B 215 20.11 -21.04 -6.61
C LEU B 215 21.15 -21.94 -7.28
N LYS B 216 22.28 -21.37 -7.71
CA LYS B 216 23.36 -22.12 -8.36
C LYS B 216 22.86 -22.81 -9.63
N LEU B 217 22.20 -22.03 -10.49
CA LEU B 217 21.79 -22.50 -11.82
C LEU B 217 22.73 -21.88 -12.84
N THR B 218 23.57 -22.72 -13.44
CA THR B 218 24.56 -22.21 -14.41
C THR B 218 23.87 -21.59 -15.61
N THR B 219 22.90 -22.30 -16.20
CA THR B 219 22.15 -21.83 -17.37
C THR B 219 20.70 -21.67 -16.96
N PRO B 220 20.30 -20.49 -16.47
CA PRO B 220 18.90 -20.28 -16.06
C PRO B 220 18.04 -19.92 -17.27
N THR B 221 16.88 -20.58 -17.37
CA THR B 221 15.95 -20.37 -18.46
C THR B 221 14.87 -19.38 -18.04
N TYR B 222 13.97 -19.08 -18.97
CA TYR B 222 12.85 -18.21 -18.65
C TYR B 222 11.93 -18.84 -17.60
N GLY B 223 11.79 -20.15 -17.62
CA GLY B 223 11.01 -20.82 -16.59
C GLY B 223 11.63 -20.70 -15.22
N ASP B 224 12.97 -20.66 -15.15
CA ASP B 224 13.63 -20.45 -13.88
C ASP B 224 13.38 -19.04 -13.35
N LEU B 225 13.43 -18.05 -14.25
CA LEU B 225 13.14 -16.67 -13.84
C LEU B 225 11.67 -16.50 -13.50
N ASN B 226 10.78 -17.03 -14.34
CA ASN B 226 9.34 -16.90 -14.09
C ASN B 226 8.90 -17.68 -12.87
N HIS B 227 9.69 -18.67 -12.42
CA HIS B 227 9.39 -19.32 -11.15
C HIS B 227 9.50 -18.34 -10.00
N LEU B 228 10.51 -17.46 -10.04
CA LEU B 228 10.61 -16.40 -9.04
C LEU B 228 9.53 -15.35 -9.23
N VAL B 229 9.14 -15.09 -10.48
CA VAL B 229 8.10 -14.10 -10.74
C VAL B 229 6.77 -14.57 -10.19
N SER B 230 6.35 -15.78 -10.58
CA SER B 230 5.05 -16.29 -10.13
C SER B 230 4.98 -16.38 -8.61
N ALA B 231 6.09 -16.74 -7.96
CA ALA B 231 6.13 -16.74 -6.51
C ALA B 231 6.01 -15.33 -5.95
N THR B 232 6.53 -14.34 -6.67
CA THR B 232 6.42 -12.95 -6.24
C THR B 232 5.01 -12.39 -6.51
N MET B 233 4.49 -12.62 -7.71
CA MET B 233 3.14 -12.17 -8.03
C MET B 233 2.10 -12.78 -7.12
N SER B 234 2.29 -14.03 -6.70
CA SER B 234 1.36 -14.65 -5.77
C SER B 234 1.46 -14.02 -4.38
N GLY B 235 2.68 -13.65 -3.96
CA GLY B 235 2.85 -13.10 -2.63
C GLY B 235 2.35 -11.68 -2.52
N VAL B 236 2.67 -10.85 -3.51
CA VAL B 236 2.29 -9.45 -3.47
C VAL B 236 0.79 -9.27 -3.60
N THR B 237 0.08 -10.25 -4.18
CA THR B 237 -1.36 -10.18 -4.33
C THR B 237 -2.10 -11.02 -3.30
N THR B 238 -1.40 -11.51 -2.28
CA THR B 238 -2.05 -12.33 -1.25
C THR B 238 -3.11 -11.53 -0.51
N CYS B 239 -2.83 -10.27 -0.20
CA CYS B 239 -3.77 -9.42 0.51
C CYS B 239 -4.99 -9.05 -0.33
N LEU B 240 -4.94 -9.26 -1.64
CA LEU B 240 -6.07 -8.96 -2.51
C LEU B 240 -6.97 -10.16 -2.77
N ARG B 241 -6.45 -11.38 -2.61
CA ARG B 241 -7.21 -12.60 -2.91
C ARG B 241 -7.80 -13.26 -1.68
N PHE B 242 -7.32 -12.94 -0.48
CA PHE B 242 -7.78 -13.57 0.73
C PHE B 242 -8.30 -12.53 1.71
N PRO B 243 -9.21 -12.90 2.62
CA PRO B 243 -9.78 -11.92 3.54
C PRO B 243 -8.71 -11.32 4.46
N GLY B 244 -8.66 -10.00 4.49
CA GLY B 244 -7.72 -9.27 5.32
C GLY B 244 -8.17 -7.84 5.50
N GLN B 245 -7.52 -7.15 6.42
CA GLN B 245 -7.84 -5.76 6.71
C GLN B 245 -6.81 -4.77 6.20
N LEU B 246 -5.54 -5.15 6.14
CA LEU B 246 -4.48 -4.26 5.69
C LEU B 246 -4.18 -4.52 4.22
N ASN B 247 -4.22 -3.45 3.42
CA ASN B 247 -3.93 -3.52 1.98
C ASN B 247 -4.85 -4.53 1.28
N ALA B 248 -6.11 -4.58 1.72
CA ALA B 248 -7.05 -5.56 1.17
C ALA B 248 -7.48 -5.21 -0.25
N ASP B 249 -7.24 -3.99 -0.70
CA ASP B 249 -7.61 -3.58 -2.06
C ASP B 249 -6.47 -2.77 -2.66
N LEU B 250 -6.57 -2.53 -3.96
CA LEU B 250 -5.50 -1.85 -4.68
C LEU B 250 -5.33 -0.41 -4.23
N ARG B 251 -6.42 0.28 -3.88
CA ARG B 251 -6.32 1.68 -3.49
C ARG B 251 -5.75 1.82 -2.08
N LYS B 252 -6.20 0.98 -1.14
CA LYS B 252 -5.66 1.05 0.22
C LYS B 252 -4.19 0.67 0.25
N LEU B 253 -3.75 -0.23 -0.63
CA LEU B 253 -2.32 -0.51 -0.74
C LEU B 253 -1.57 0.69 -1.32
N ALA B 254 -2.17 1.36 -2.30
CA ALA B 254 -1.53 2.52 -2.90
C ALA B 254 -1.44 3.69 -1.92
N VAL B 255 -2.50 3.92 -1.15
CA VAL B 255 -2.49 4.99 -0.15
C VAL B 255 -1.41 4.74 0.90
N ASN B 256 -1.13 3.47 1.20
CA ASN B 256 -0.14 3.11 2.21
C ASN B 256 1.28 3.05 1.67
N MET B 257 1.45 2.80 0.36
CA MET B 257 2.77 2.57 -0.20
C MET B 257 3.29 3.70 -1.08
N VAL B 258 2.44 4.64 -1.50
CA VAL B 258 2.85 5.67 -2.44
C VAL B 258 2.78 7.03 -1.76
N PRO B 259 3.86 7.50 -1.12
CA PRO B 259 3.82 8.82 -0.48
C PRO B 259 3.89 9.97 -1.47
N PHE B 260 4.36 9.73 -2.70
CA PHE B 260 4.46 10.75 -3.72
C PHE B 260 4.07 10.12 -5.06
N PRO B 261 3.32 10.85 -5.88
CA PRO B 261 2.71 10.23 -7.07
C PRO B 261 3.68 9.51 -7.99
N ARG B 262 4.85 10.10 -8.26
CA ARG B 262 5.78 9.48 -9.20
C ARG B 262 6.62 8.38 -8.57
N LEU B 263 6.76 8.37 -7.24
CA LEU B 263 7.53 7.33 -6.56
C LEU B 263 6.60 6.16 -6.21
N HIS B 264 6.17 5.46 -7.25
CA HIS B 264 5.26 4.33 -7.11
C HIS B 264 5.84 3.05 -7.71
N PHE B 265 7.16 2.93 -7.69
CA PHE B 265 7.86 1.75 -8.20
C PHE B 265 8.36 0.95 -7.01
N PHE B 266 7.76 -0.22 -6.80
CA PHE B 266 8.01 -1.02 -5.61
C PHE B 266 9.11 -2.04 -5.87
N MET B 267 9.88 -2.33 -4.82
CA MET B 267 10.90 -3.36 -4.85
C MET B 267 10.36 -4.61 -4.18
N PRO B 268 9.94 -5.63 -4.93
CA PRO B 268 9.39 -6.82 -4.29
C PRO B 268 10.48 -7.79 -3.85
N GLY B 269 10.15 -8.56 -2.82
CA GLY B 269 11.08 -9.55 -2.29
C GLY B 269 10.32 -10.76 -1.81
N PHE B 270 10.95 -11.93 -1.95
CA PHE B 270 10.33 -13.19 -1.58
C PHE B 270 11.29 -14.02 -0.74
N ALA B 271 10.72 -14.76 0.21
CA ALA B 271 11.48 -15.64 1.08
C ALA B 271 10.60 -16.82 1.45
N PRO B 272 11.11 -18.05 1.40
CA PRO B 272 12.48 -18.43 1.02
C PRO B 272 12.65 -18.52 -0.49
N LEU B 273 13.87 -18.28 -0.98
CA LEU B 273 14.15 -18.39 -2.41
C LEU B 273 14.36 -19.86 -2.78
N THR B 274 13.48 -20.38 -3.64
CA THR B 274 13.54 -21.77 -4.07
C THR B 274 13.50 -21.84 -5.58
N SER B 275 14.20 -22.82 -6.12
CA SER B 275 14.18 -23.12 -7.56
C SER B 275 13.18 -24.23 -7.83
N ARG B 276 12.64 -24.23 -9.05
CA ARG B 276 11.74 -25.31 -9.45
C ARG B 276 12.53 -26.61 -9.64
N GLY B 277 11.83 -27.72 -9.46
CA GLY B 277 12.47 -29.03 -9.55
C GLY B 277 13.47 -29.33 -8.46
N SER B 278 13.57 -28.48 -7.43
CA SER B 278 14.51 -28.70 -6.34
C SER B 278 14.05 -27.97 -5.07
N GLN B 279 12.97 -28.44 -4.47
CA GLN B 279 12.48 -27.91 -3.20
C GLN B 279 12.90 -28.82 -2.06
N GLN B 280 13.35 -28.20 -0.97
CA GLN B 280 13.84 -29.00 0.19
C GLN B 280 13.22 -28.50 1.50
N TYR B 281 13.40 -29.27 2.59
CA TYR B 281 12.85 -28.87 3.92
C TYR B 281 13.22 -27.41 4.19
N ARG B 282 12.21 -26.54 4.22
CA ARG B 282 12.46 -25.10 4.40
C ARG B 282 12.54 -24.82 5.90
N ALA B 283 11.48 -25.18 6.63
CA ALA B 283 11.49 -24.98 8.09
C ALA B 283 12.18 -23.66 8.40
N LEU B 284 11.88 -22.63 7.60
CA LEU B 284 12.45 -21.30 7.88
C LEU B 284 11.73 -20.72 9.10
N THR B 285 12.49 -20.26 10.09
CA THR B 285 11.90 -19.63 11.29
C THR B 285 11.37 -18.24 10.94
N VAL B 286 10.47 -17.71 11.77
CA VAL B 286 10.02 -16.33 11.53
C VAL B 286 11.18 -15.36 11.51
N PRO B 287 12.15 -15.40 12.45
CA PRO B 287 13.32 -14.51 12.30
C PRO B 287 14.12 -14.76 11.03
N GLU B 288 14.21 -16.01 10.58
CA GLU B 288 14.90 -16.28 9.32
C GLU B 288 14.12 -15.76 8.14
N LEU B 289 12.79 -15.84 8.18
CA LEU B 289 11.97 -15.28 7.12
C LEU B 289 12.01 -13.75 7.15
N THR B 290 12.10 -13.16 8.34
CA THR B 290 12.11 -11.71 8.46
C THR B 290 13.42 -11.13 7.94
N GLN B 291 14.55 -11.75 8.29
CA GLN B 291 15.85 -11.24 7.84
C GLN B 291 16.08 -11.47 6.35
N GLN B 292 15.39 -12.44 5.75
CA GLN B 292 15.57 -12.70 4.33
C GLN B 292 14.75 -11.75 3.46
N MET B 293 13.56 -11.37 3.93
CA MET B 293 12.73 -10.43 3.17
C MET B 293 13.47 -9.12 2.93
N PHE B 294 14.19 -8.63 3.92
CA PHE B 294 14.91 -7.37 3.84
C PHE B 294 16.34 -7.56 3.35
N ASP B 295 16.69 -8.77 2.89
CA ASP B 295 18.05 -9.02 2.33
C ASP B 295 18.05 -8.70 0.83
N SER B 296 19.20 -8.28 0.30
CA SER B 296 19.31 -7.85 -1.11
C SER B 296 19.34 -9.04 -2.07
N LYS B 297 19.82 -10.18 -1.61
CA LYS B 297 19.87 -11.40 -2.45
C LYS B 297 18.45 -11.91 -2.67
N ASN B 298 17.51 -11.40 -1.89
CA ASN B 298 16.13 -11.82 -2.03
C ASN B 298 15.27 -10.76 -2.72
N MET B 299 15.87 -9.69 -3.21
CA MET B 299 15.12 -8.63 -3.87
C MET B 299 14.86 -8.99 -5.33
N MET B 300 13.62 -8.77 -5.77
CA MET B 300 13.28 -9.02 -7.16
C MET B 300 13.84 -7.96 -8.10
N ALA B 301 14.37 -6.86 -7.57
CA ALA B 301 15.03 -5.83 -8.35
C ALA B 301 16.48 -5.74 -7.90
N ALA B 302 17.40 -5.67 -8.86
CA ALA B 302 18.82 -5.65 -8.56
C ALA B 302 19.23 -4.33 -7.90
N CYS B 303 18.80 -4.14 -6.65
CA CYS B 303 19.13 -2.96 -5.87
C CYS B 303 19.49 -3.38 -4.45
N ASP B 304 20.49 -2.71 -3.88
CA ASP B 304 20.87 -2.95 -2.50
C ASP B 304 20.04 -2.03 -1.61
N PRO B 305 19.11 -2.55 -0.81
CA PRO B 305 18.34 -1.68 0.08
C PRO B 305 19.20 -0.94 1.10
N ARG B 306 20.32 -1.53 1.50
CA ARG B 306 21.24 -0.86 2.42
C ARG B 306 21.85 0.39 1.82
N HIS B 307 21.77 0.57 0.50
CA HIS B 307 22.25 1.78 -0.15
C HIS B 307 21.19 2.88 -0.18
N GLY B 308 19.94 2.55 0.09
CA GLY B 308 18.88 3.56 0.11
C GLY B 308 18.09 3.55 1.41
N ARG B 309 16.94 4.20 1.41
CA ARG B 309 16.09 4.27 2.58
C ARG B 309 14.67 3.88 2.21
N TYR B 310 14.03 3.12 3.10
CA TYR B 310 12.66 2.66 2.87
C TYR B 310 11.69 3.79 3.15
N LEU B 311 10.90 4.17 2.13
CA LEU B 311 9.80 5.11 2.36
C LEU B 311 8.62 4.39 3.02
N THR B 312 8.13 3.33 2.38
CA THR B 312 7.08 2.50 2.93
C THR B 312 7.43 1.04 2.65
N VAL B 313 6.95 0.15 3.52
CA VAL B 313 7.20 -1.28 3.40
C VAL B 313 5.95 -2.04 3.81
N ALA B 314 5.53 -2.97 2.97
CA ALA B 314 4.41 -3.87 3.27
C ALA B 314 4.92 -5.30 3.26
N ALA B 315 4.94 -5.92 4.43
CA ALA B 315 5.41 -7.29 4.58
C ALA B 315 4.22 -8.24 4.68
N ILE B 316 4.24 -9.30 3.89
CA ILE B 316 3.17 -10.30 3.87
C ILE B 316 3.75 -11.63 4.33
N PHE B 317 3.13 -12.21 5.35
CA PHE B 317 3.53 -13.50 5.89
C PHE B 317 2.45 -14.53 5.60
N ARG B 318 2.85 -15.66 5.02
CA ARG B 318 1.92 -16.71 4.64
C ARG B 318 2.26 -17.99 5.39
N GLY B 319 1.23 -18.66 5.89
CA GLY B 319 1.38 -19.90 6.63
C GLY B 319 1.02 -19.73 8.09
N ARG B 320 0.98 -20.87 8.79
CA ARG B 320 0.64 -20.90 10.21
C ARG B 320 1.87 -20.53 11.02
N MET B 321 1.76 -19.43 11.77
CA MET B 321 2.87 -18.96 12.60
C MET B 321 2.30 -18.05 13.69
N SER B 322 3.12 -17.81 14.71
CA SER B 322 2.70 -17.01 15.86
C SER B 322 2.55 -15.56 15.44
N MET B 323 1.36 -15.00 15.68
CA MET B 323 1.13 -13.58 15.40
C MET B 323 2.04 -12.69 16.23
N LYS B 324 2.30 -13.08 17.48
CA LYS B 324 3.20 -12.30 18.32
C LYS B 324 4.64 -12.37 17.82
N GLU B 325 5.07 -13.55 17.35
CA GLU B 325 6.43 -13.69 16.86
C GLU B 325 6.70 -12.84 15.64
N VAL B 326 5.69 -12.68 14.77
CA VAL B 326 5.84 -11.81 13.60
C VAL B 326 5.94 -10.36 14.04
N ASP B 327 5.17 -9.97 15.06
CA ASP B 327 5.20 -8.59 15.53
C ASP B 327 6.55 -8.24 16.14
N GLU B 328 7.17 -9.18 16.86
CA GLU B 328 8.44 -8.91 17.49
C GLU B 328 9.57 -8.84 16.46
N GLN B 329 9.61 -9.80 15.55
CA GLN B 329 10.64 -9.80 14.51
C GLN B 329 10.50 -8.60 13.59
N MET B 330 9.27 -8.11 13.38
CA MET B 330 9.06 -6.91 12.58
C MET B 330 9.61 -5.68 13.30
N LEU B 331 9.28 -5.54 14.58
CA LEU B 331 9.78 -4.41 15.36
C LEU B 331 11.28 -4.50 15.60
N ASN B 332 11.85 -5.69 15.54
CA ASN B 332 13.28 -5.85 15.79
C ASN B 332 14.11 -5.40 14.59
N VAL B 333 13.71 -5.81 13.39
CA VAL B 333 14.45 -5.41 12.19
C VAL B 333 14.35 -3.91 11.99
N GLN B 334 13.19 -3.32 12.27
CA GLN B 334 13.07 -1.87 12.21
C GLN B 334 13.97 -1.19 13.24
N ASN B 335 14.22 -1.85 14.37
CA ASN B 335 15.13 -1.30 15.37
C ASN B 335 16.58 -1.49 14.97
N LYS B 336 16.93 -2.68 14.46
CA LYS B 336 18.30 -2.94 14.04
C LYS B 336 18.67 -2.10 12.82
N ASN B 337 17.75 -2.01 11.86
CA ASN B 337 18.05 -1.28 10.60
C ASN B 337 17.29 0.06 10.61
N SER B 338 17.33 0.79 11.73
CA SER B 338 16.57 2.02 11.84
C SER B 338 17.00 3.07 10.82
N SER B 339 18.29 3.09 10.48
CA SER B 339 18.80 4.08 9.52
C SER B 339 18.34 3.81 8.09
N TYR B 340 17.78 2.63 7.82
CA TYR B 340 17.34 2.28 6.48
C TYR B 340 15.85 2.54 6.27
N PHE B 341 15.20 3.21 7.23
CA PHE B 341 13.82 3.66 7.08
C PHE B 341 13.79 5.16 7.28
N VAL B 342 12.97 5.85 6.47
CA VAL B 342 12.85 7.30 6.60
C VAL B 342 12.20 7.63 7.94
N GLU B 343 12.74 8.63 8.62
CA GLU B 343 12.25 9.01 9.94
C GLU B 343 11.01 9.90 9.87
N TRP B 344 10.80 10.59 8.75
CA TRP B 344 9.66 11.50 8.62
C TRP B 344 8.37 10.79 8.21
N ILE B 345 8.39 9.46 8.09
CA ILE B 345 7.16 8.68 7.88
C ILE B 345 7.06 7.65 8.99
N PRO B 346 6.38 7.96 10.09
CA PRO B 346 6.33 7.00 11.21
C PRO B 346 5.42 5.82 10.90
N ASN B 347 5.80 4.66 11.44
CA ASN B 347 5.04 3.43 11.27
C ASN B 347 4.85 3.09 9.80
N ASN B 348 5.92 3.26 9.02
CA ASN B 348 5.87 3.06 7.57
C ASN B 348 5.97 1.60 7.17
N VAL B 349 6.03 0.67 8.13
CA VAL B 349 6.09 -0.76 7.85
C VAL B 349 4.77 -1.37 8.30
N LYS B 350 4.08 -2.02 7.37
CA LYS B 350 2.80 -2.66 7.63
C LYS B 350 2.92 -4.15 7.40
N THR B 351 2.35 -4.93 8.31
CA THR B 351 2.50 -6.38 8.30
C THR B 351 1.13 -7.04 8.24
N ALA B 352 0.97 -7.96 7.29
CA ALA B 352 -0.24 -8.76 7.16
C ALA B 352 0.13 -10.23 7.18
N VAL B 353 -0.72 -11.05 7.80
CA VAL B 353 -0.49 -12.49 7.93
C VAL B 353 -1.68 -13.22 7.32
N CYS B 354 -1.39 -14.08 6.35
CA CYS B 354 -2.40 -14.92 5.72
C CYS B 354 -2.14 -16.38 6.11
N ASP B 355 -3.21 -17.10 6.45
CA ASP B 355 -3.07 -18.46 6.94
C ASP B 355 -2.77 -19.45 5.82
N ILE B 356 -2.98 -19.07 4.57
CA ILE B 356 -2.79 -19.97 3.43
C ILE B 356 -1.40 -19.72 2.87
N PRO B 357 -0.48 -20.67 2.95
CA PRO B 357 0.82 -20.52 2.31
C PRO B 357 0.75 -20.93 0.85
N PRO B 358 1.74 -20.57 0.03
CA PRO B 358 1.70 -20.97 -1.39
C PRO B 358 2.03 -22.44 -1.58
N ARG B 359 2.06 -22.88 -2.83
CA ARG B 359 2.26 -24.30 -3.12
C ARG B 359 3.68 -24.74 -2.76
N GLY B 360 3.79 -25.91 -2.15
CA GLY B 360 5.08 -26.48 -1.81
C GLY B 360 5.83 -25.76 -0.71
N LEU B 361 5.14 -24.93 0.08
CA LEU B 361 5.78 -24.19 1.15
C LEU B 361 4.86 -24.12 2.35
N LYS B 362 5.43 -24.32 3.54
CA LYS B 362 4.69 -24.17 4.78
C LYS B 362 4.82 -22.78 5.36
N MET B 363 5.97 -22.13 5.17
CA MET B 363 6.20 -20.77 5.63
C MET B 363 6.68 -19.93 4.45
N SER B 364 6.10 -18.75 4.29
CA SER B 364 6.48 -17.86 3.20
C SER B 364 6.44 -16.43 3.69
N ALA B 365 7.24 -15.58 3.06
CA ALA B 365 7.35 -14.17 3.42
C ALA B 365 7.55 -13.35 2.15
N THR B 366 6.64 -12.41 1.90
CA THR B 366 6.69 -11.57 0.72
C THR B 366 6.95 -10.12 1.13
N PHE B 367 7.87 -9.48 0.43
CA PHE B 367 8.29 -8.11 0.74
C PHE B 367 7.80 -7.17 -0.34
N ILE B 368 7.18 -6.06 0.07
CA ILE B 368 6.76 -5.01 -0.84
C ILE B 368 7.29 -3.69 -0.28
N GLY B 369 8.32 -3.16 -0.92
CA GLY B 369 8.97 -1.97 -0.41
C GLY B 369 9.10 -0.82 -1.39
N ASN B 370 8.77 0.38 -0.94
CA ASN B 370 9.01 1.61 -1.70
C ASN B 370 10.31 2.21 -1.16
N SER B 371 11.42 1.78 -1.76
CA SER B 371 12.75 2.17 -1.30
C SER B 371 13.39 3.13 -2.29
N THR B 372 14.12 4.10 -1.77
CA THR B 372 14.89 5.01 -2.62
C THR B 372 16.04 4.30 -3.33
N ALA B 373 16.38 3.08 -2.91
CA ALA B 373 17.44 2.33 -3.56
C ALA B 373 17.05 1.85 -4.96
N ILE B 374 15.76 1.93 -5.32
CA ILE B 374 15.32 1.57 -6.65
C ILE B 374 15.90 2.47 -7.73
N GLN B 375 16.48 3.62 -7.34
CA GLN B 375 17.16 4.47 -8.32
C GLN B 375 18.34 3.75 -8.94
N GLU B 376 18.95 2.79 -8.22
CA GLU B 376 20.03 2.00 -8.79
C GLU B 376 19.55 1.22 -10.02
N LEU B 377 18.31 0.73 -9.98
CA LEU B 377 17.74 0.06 -11.15
C LEU B 377 17.52 1.04 -12.29
N PHE B 378 16.98 2.23 -11.99
CA PHE B 378 16.71 3.20 -13.03
C PHE B 378 18.01 3.82 -13.56
N LYS B 379 19.00 4.01 -12.70
CA LYS B 379 20.28 4.55 -13.15
C LYS B 379 20.98 3.58 -14.10
N ARG B 380 20.88 2.28 -13.83
CA ARG B 380 21.50 1.29 -14.71
C ARG B 380 20.88 1.32 -16.10
N ILE B 381 19.55 1.42 -16.17
CA ILE B 381 18.89 1.52 -17.48
C ILE B 381 19.20 2.85 -18.13
N SER B 382 19.28 3.92 -17.32
CA SER B 382 19.60 5.24 -17.87
C SER B 382 20.98 5.28 -18.49
N GLU B 383 21.96 4.65 -17.83
CA GLU B 383 23.31 4.62 -18.39
C GLU B 383 23.36 3.81 -19.68
N GLN B 384 22.66 2.68 -19.72
CA GLN B 384 22.59 1.91 -20.95
C GLN B 384 21.83 2.67 -22.03
N PHE B 385 20.76 3.38 -21.65
CA PHE B 385 20.06 4.22 -22.60
C PHE B 385 20.95 5.33 -23.11
N THR B 386 21.62 6.04 -22.20
CA THR B 386 22.48 7.14 -22.60
C THR B 386 23.63 6.65 -23.48
N ALA B 387 24.18 5.47 -23.17
CA ALA B 387 25.24 4.91 -24.01
C ALA B 387 24.77 4.70 -25.43
N MET B 388 23.52 4.27 -25.60
CA MET B 388 22.97 4.05 -26.94
C MET B 388 22.53 5.37 -27.58
N PHE B 389 21.84 6.22 -26.82
CA PHE B 389 21.24 7.41 -27.40
C PHE B 389 22.28 8.43 -27.82
N ARG B 390 23.40 8.53 -27.10
CA ARG B 390 24.43 9.50 -27.45
C ARG B 390 25.04 9.19 -28.81
N ARG B 391 25.10 7.92 -29.20
CA ARG B 391 25.56 7.53 -30.52
C ARG B 391 24.44 7.42 -31.54
N LYS B 392 23.19 7.68 -31.12
CA LYS B 392 22.02 7.64 -32.01
C LYS B 392 21.88 6.28 -32.70
N ALA B 393 22.27 5.22 -32.01
CA ALA B 393 22.24 3.89 -32.62
C ALA B 393 20.82 3.38 -32.75
N PHE B 394 20.45 2.96 -33.97
CA PHE B 394 19.13 2.40 -34.27
C PHE B 394 18.00 3.36 -33.93
N LEU B 395 18.28 4.67 -33.96
CA LEU B 395 17.23 5.65 -33.68
C LEU B 395 16.21 5.73 -34.81
N HIS B 396 16.58 5.31 -36.00
CA HIS B 396 15.67 5.38 -37.18
C HIS B 396 14.54 4.35 -37.03
N TRP B 397 14.80 3.24 -36.33
CA TRP B 397 13.75 2.25 -36.13
C TRP B 397 12.53 2.85 -35.45
N TYR B 398 12.74 3.84 -34.58
CA TYR B 398 11.66 4.47 -33.85
C TYR B 398 11.10 5.68 -34.60
N THR B 399 11.99 6.57 -35.07
CA THR B 399 11.55 7.74 -35.81
C THR B 399 10.92 7.38 -37.15
N GLY B 400 11.22 6.19 -37.69
CA GLY B 400 10.57 5.74 -38.90
C GLY B 400 9.09 5.46 -38.75
N GLU B 401 8.62 5.30 -37.52
CA GLU B 401 7.21 5.09 -37.23
C GLU B 401 6.50 6.39 -36.82
N GLY B 402 6.97 7.53 -37.32
CA GLY B 402 6.38 8.80 -36.97
C GLY B 402 6.70 9.30 -35.58
N MET B 403 7.62 8.65 -34.87
CA MET B 403 7.96 9.03 -33.51
C MET B 403 9.01 10.14 -33.52
N ASP B 404 8.83 11.12 -32.64
CA ASP B 404 9.74 12.25 -32.58
C ASP B 404 11.00 11.91 -31.82
N GLU B 405 12.13 12.45 -32.29
CA GLU B 405 13.39 12.25 -31.58
C GLU B 405 13.38 12.92 -30.21
N MET B 406 12.70 14.07 -30.09
CA MET B 406 12.61 14.75 -28.81
C MET B 406 11.91 13.91 -27.74
N GLU B 407 11.11 12.93 -28.16
CA GLU B 407 10.48 12.03 -27.19
C GLU B 407 11.52 11.18 -26.46
N PHE B 408 12.64 10.91 -27.11
CA PHE B 408 13.71 10.17 -26.44
C PHE B 408 14.35 11.02 -25.34
N THR B 409 14.69 12.28 -25.66
CA THR B 409 15.27 13.16 -24.66
C THR B 409 14.27 13.46 -23.55
N GLU B 410 13.00 13.62 -23.89
CA GLU B 410 11.98 13.87 -22.88
C GLU B 410 11.82 12.68 -21.93
N ALA B 411 11.90 11.47 -22.47
CA ALA B 411 11.82 10.28 -21.63
C ALA B 411 13.06 10.15 -20.75
N GLU B 412 14.23 10.42 -21.31
CA GLU B 412 15.47 10.35 -20.52
C GLU B 412 15.50 11.44 -19.45
N SER B 413 15.07 12.64 -19.79
CA SER B 413 15.00 13.73 -18.79
C SER B 413 14.06 13.31 -17.65
N ASN B 414 12.90 12.77 -17.99
CA ASN B 414 11.93 12.43 -16.96
C ASN B 414 12.45 11.35 -16.04
N MET B 415 13.14 10.34 -16.59
CA MET B 415 13.69 9.28 -15.76
C MET B 415 14.86 9.79 -14.91
N ASN B 416 15.64 10.74 -15.42
CA ASN B 416 16.70 11.33 -14.62
C ASN B 416 16.14 12.15 -13.47
N ASP B 417 15.01 12.82 -13.69
CA ASP B 417 14.32 13.50 -12.60
C ASP B 417 13.77 12.52 -11.59
N LEU B 418 13.33 11.34 -12.05
CA LEU B 418 12.86 10.30 -11.14
C LEU B 418 13.98 9.84 -10.21
N VAL B 419 15.18 9.63 -10.76
CA VAL B 419 16.32 9.27 -9.94
C VAL B 419 16.65 10.39 -8.97
N SER B 420 16.59 11.64 -9.43
CA SER B 420 16.85 12.77 -8.55
C SER B 420 15.82 12.87 -7.44
N GLU B 421 14.58 12.45 -7.71
CA GLU B 421 13.55 12.47 -6.67
C GLU B 421 13.83 11.44 -5.59
N TYR B 422 14.24 10.24 -5.97
CA TYR B 422 14.57 9.21 -4.99
C TYR B 422 15.75 9.64 -4.14
N GLN B 423 16.78 10.25 -4.75
CA GLN B 423 17.93 10.71 -3.99
C GLN B 423 17.56 11.89 -3.09
N GLN B 424 16.63 12.73 -3.52
CA GLN B 424 16.23 13.88 -2.70
C GLN B 424 15.57 13.41 -1.40
N TYR B 425 14.67 12.44 -1.48
CA TYR B 425 14.03 11.90 -0.28
C TYR B 425 14.93 10.91 0.45
N GLN B 426 15.98 10.41 -0.20
CA GLN B 426 16.94 9.56 0.48
C GLN B 426 17.83 10.37 1.43
N ASP B 427 18.05 11.64 1.12
CA ASP B 427 18.89 12.52 1.93
C ASP B 427 18.08 13.40 2.87
N ALA B 428 16.75 13.37 2.79
CA ALA B 428 15.93 14.20 3.65
C ALA B 428 15.91 13.66 5.08
N THR B 429 16.01 14.56 6.04
CA THR B 429 15.99 14.21 7.45
C THR B 429 14.79 14.83 8.14
N ALA B 430 14.51 14.37 9.35
CA ALA B 430 13.35 14.87 10.08
C ALA B 430 13.61 16.26 10.63
N ASP B 431 14.85 16.53 11.04
CA ASP B 431 15.29 17.82 11.60
C ASP B 431 14.28 18.40 12.59
N ASP C 1 26.97 10.84 -56.94
CA ASP C 1 28.01 10.43 -56.00
C ASP C 1 27.71 9.06 -55.42
N LEU C 2 28.64 8.12 -55.62
CA LEU C 2 28.47 6.77 -55.13
C LEU C 2 28.80 6.62 -53.65
N GLY C 3 29.30 7.67 -53.00
CA GLY C 3 29.60 7.58 -51.58
C GLY C 3 28.35 7.41 -50.75
N LYS C 4 27.30 8.18 -51.05
CA LYS C 4 26.05 8.03 -50.33
C LYS C 4 25.39 6.68 -50.61
N LYS C 5 25.64 6.11 -51.80
CA LYS C 5 25.10 4.79 -52.11
C LYS C 5 25.85 3.71 -51.35
N LEU C 6 27.18 3.81 -51.28
CA LEU C 6 27.95 2.84 -50.50
C LEU C 6 27.66 2.97 -49.01
N LEU C 7 27.36 4.18 -48.54
CA LEU C 7 27.03 4.37 -47.13
C LEU C 7 25.76 3.59 -46.77
N GLU C 8 24.73 3.67 -47.60
CA GLU C 8 23.48 2.98 -47.28
C GLU C 8 23.53 1.51 -47.69
N ALA C 9 24.36 1.15 -48.67
CA ALA C 9 24.55 -0.26 -48.97
C ALA C 9 25.26 -0.98 -47.83
N ALA C 10 26.20 -0.30 -47.16
CA ALA C 10 26.88 -0.89 -46.02
C ALA C 10 25.97 -0.96 -44.80
N ARG C 11 25.03 -0.03 -44.68
CA ARG C 11 24.10 -0.07 -43.56
C ARG C 11 23.05 -1.18 -43.74
N ALA C 12 22.50 -1.29 -44.95
CA ALA C 12 21.47 -2.28 -45.23
C ALA C 12 22.03 -3.69 -45.36
N GLY C 13 23.34 -3.86 -45.46
CA GLY C 13 23.92 -5.18 -45.56
C GLY C 13 23.86 -5.79 -46.94
N GLN C 14 23.99 -4.98 -47.99
CA GLN C 14 23.98 -5.49 -49.37
C GLN C 14 25.43 -5.73 -49.78
N ASP C 15 25.88 -6.97 -49.62
CA ASP C 15 27.27 -7.30 -49.93
C ASP C 15 27.56 -7.14 -51.41
N ASP C 16 26.63 -7.56 -52.27
CA ASP C 16 26.85 -7.46 -53.70
C ASP C 16 26.92 -6.01 -54.17
N GLU C 17 26.15 -5.12 -53.55
CA GLU C 17 26.18 -3.71 -53.93
C GLU C 17 27.45 -3.02 -53.44
N VAL C 18 27.99 -3.45 -52.31
CA VAL C 18 29.23 -2.86 -51.81
C VAL C 18 30.40 -3.21 -52.74
N ARG C 19 30.45 -4.46 -53.21
CA ARG C 19 31.52 -4.87 -54.11
C ARG C 19 31.41 -4.19 -55.47
N ILE C 20 30.18 -3.90 -55.91
CA ILE C 20 30.00 -3.27 -57.22
C ILE C 20 30.38 -1.79 -57.17
N LEU C 21 29.95 -1.09 -56.11
CA LEU C 21 30.27 0.32 -56.00
C LEU C 21 31.77 0.55 -55.80
N MET C 22 32.43 -0.35 -55.05
CA MET C 22 33.88 -0.24 -54.87
C MET C 22 34.59 -0.30 -56.21
N ALA C 23 34.15 -1.17 -57.11
CA ALA C 23 34.79 -1.28 -58.41
C ALA C 23 34.50 -0.06 -59.29
N ASN C 24 33.38 0.63 -59.03
CA ASN C 24 33.01 1.82 -59.78
C ASN C 24 33.59 3.10 -59.20
N GLY C 25 34.54 3.00 -58.28
CA GLY C 25 35.20 4.17 -57.73
C GLY C 25 34.54 4.82 -56.55
N ALA C 26 33.63 4.12 -55.86
CA ALA C 26 32.96 4.70 -54.70
C ALA C 26 33.96 4.93 -53.57
N ASP C 27 33.86 6.10 -52.95
CA ASP C 27 34.71 6.44 -51.82
C ASP C 27 34.45 5.49 -50.66
N VAL C 28 35.41 4.58 -50.39
CA VAL C 28 35.25 3.63 -49.30
C VAL C 28 35.22 4.36 -47.96
N ASN C 29 36.04 5.40 -47.82
CA ASN C 29 36.07 6.21 -46.60
C ASN C 29 35.18 7.45 -46.71
N ALA C 30 34.10 7.38 -47.49
CA ALA C 30 33.13 8.46 -47.53
C ALA C 30 32.47 8.62 -46.16
N THR C 31 31.97 9.83 -45.91
CA THR C 31 31.37 10.15 -44.63
C THR C 31 30.01 10.79 -44.84
N ASP C 32 29.05 10.44 -43.97
CA ASP C 32 27.76 11.10 -43.99
C ASP C 32 27.89 12.46 -43.29
N ALA C 33 26.75 13.09 -42.99
CA ALA C 33 26.79 14.38 -42.31
C ALA C 33 27.33 14.28 -40.89
N SER C 34 27.23 13.11 -40.27
CA SER C 34 27.75 12.89 -38.93
C SER C 34 29.19 12.41 -38.93
N GLY C 35 29.81 12.27 -40.11
CA GLY C 35 31.15 11.75 -40.19
C GLY C 35 31.27 10.24 -40.16
N LEU C 36 30.15 9.53 -40.25
CA LEU C 36 30.16 8.07 -40.22
C LEU C 36 30.61 7.53 -41.58
N THR C 37 31.54 6.59 -41.55
CA THR C 37 32.02 5.92 -42.75
C THR C 37 31.20 4.65 -42.99
N PRO C 38 31.27 4.08 -44.19
CA PRO C 38 30.62 2.77 -44.40
C PRO C 38 31.08 1.71 -43.42
N LEU C 39 32.34 1.77 -42.97
CA LEU C 39 32.79 0.85 -41.94
C LEU C 39 32.10 1.10 -40.61
N HIS C 40 31.77 2.36 -40.31
CA HIS C 40 30.99 2.66 -39.11
C HIS C 40 29.62 1.99 -39.16
N LEU C 41 28.89 2.22 -40.25
CA LEU C 41 27.54 1.66 -40.37
C LEU C 41 27.58 0.14 -40.48
N ALA C 42 28.60 -0.41 -41.15
CA ALA C 42 28.71 -1.86 -41.24
C ALA C 42 28.96 -2.47 -39.87
N ALA C 43 29.83 -1.86 -39.08
CA ALA C 43 30.09 -2.36 -37.72
C ALA C 43 28.91 -2.10 -36.79
N THR C 44 28.06 -1.12 -37.12
CA THR C 44 26.91 -0.83 -36.27
C THR C 44 25.80 -1.85 -36.47
N TYR C 45 25.52 -2.24 -37.71
CA TYR C 45 24.39 -3.10 -38.03
C TYR C 45 24.79 -4.56 -38.22
N GLY C 46 25.96 -4.95 -37.71
CA GLY C 46 26.34 -6.36 -37.69
C GLY C 46 26.51 -7.00 -39.05
N HIS C 47 27.16 -6.30 -39.98
CA HIS C 47 27.43 -6.82 -41.32
C HIS C 47 28.92 -7.18 -41.38
N LEU C 48 29.24 -8.36 -40.85
CA LEU C 48 30.64 -8.77 -40.72
C LEU C 48 31.32 -8.89 -42.08
N GLU C 49 30.62 -9.44 -43.06
CA GLU C 49 31.21 -9.61 -44.39
C GLU C 49 31.54 -8.27 -45.03
N ILE C 50 30.64 -7.29 -44.88
CA ILE C 50 30.91 -5.97 -45.43
C ILE C 50 32.05 -5.29 -44.68
N VAL C 51 32.17 -5.56 -43.38
CA VAL C 51 33.29 -5.03 -42.60
C VAL C 51 34.60 -5.57 -43.15
N GLU C 52 34.66 -6.87 -43.45
CA GLU C 52 35.89 -7.47 -43.93
C GLU C 52 36.25 -6.97 -45.33
N VAL C 53 35.25 -6.86 -46.21
CA VAL C 53 35.52 -6.39 -47.56
C VAL C 53 35.88 -4.91 -47.57
N LEU C 54 35.43 -4.16 -46.57
CA LEU C 54 35.83 -2.75 -46.47
C LEU C 54 37.27 -2.63 -46.05
N LEU C 55 37.67 -3.33 -44.99
CA LEU C 55 39.05 -3.31 -44.53
C LEU C 55 40.02 -3.86 -45.57
N LYS C 56 39.54 -4.72 -46.47
CA LYS C 56 40.36 -5.23 -47.56
C LYS C 56 40.55 -4.23 -48.69
N HIS C 57 39.84 -3.10 -48.67
CA HIS C 57 39.87 -2.12 -49.75
C HIS C 57 40.06 -0.72 -49.19
N GLY C 58 40.99 -0.57 -48.24
CA GLY C 58 41.42 0.75 -47.82
C GLY C 58 40.49 1.50 -46.88
N ALA C 59 39.72 0.78 -46.06
CA ALA C 59 38.88 1.44 -45.07
C ALA C 59 39.71 1.79 -43.84
N ASP C 60 39.60 3.03 -43.38
CA ASP C 60 40.29 3.46 -42.17
C ASP C 60 39.64 2.80 -40.97
N VAL C 61 40.32 1.80 -40.39
CA VAL C 61 39.77 1.09 -39.24
C VAL C 61 39.62 1.98 -38.03
N ASN C 62 40.39 3.06 -37.95
CA ASN C 62 40.36 3.97 -36.81
C ASN C 62 39.74 5.32 -37.16
N ALA C 63 38.82 5.33 -38.13
CA ALA C 63 38.14 6.57 -38.48
C ALA C 63 37.17 6.98 -37.38
N ILE C 64 37.09 8.28 -37.13
CA ILE C 64 36.22 8.83 -36.09
C ILE C 64 35.17 9.70 -36.75
N ASP C 65 33.97 9.70 -36.17
CA ASP C 65 32.89 10.56 -36.62
C ASP C 65 32.98 11.91 -35.90
N ILE C 66 31.91 12.69 -35.97
CA ILE C 66 31.91 14.01 -35.33
C ILE C 66 32.07 13.86 -33.83
N MET C 67 31.45 12.84 -33.24
CA MET C 67 31.58 12.58 -31.81
C MET C 67 32.79 11.72 -31.47
N GLY C 68 33.70 11.52 -32.41
CA GLY C 68 34.90 10.76 -32.12
C GLY C 68 34.70 9.27 -31.96
N SER C 69 33.61 8.72 -32.50
CA SER C 69 33.32 7.30 -32.39
C SER C 69 34.02 6.54 -33.50
N THR C 70 34.75 5.50 -33.10
CA THR C 70 35.40 4.59 -34.05
C THR C 70 34.48 3.41 -34.34
N PRO C 71 34.72 2.68 -35.43
CA PRO C 71 33.96 1.45 -35.66
C PRO C 71 34.04 0.47 -34.50
N LEU C 72 35.16 0.46 -33.77
CA LEU C 72 35.26 -0.41 -32.60
C LEU C 72 34.35 0.07 -31.48
N HIS C 73 34.20 1.39 -31.34
CA HIS C 73 33.26 1.92 -30.35
C HIS C 73 31.85 1.40 -30.60
N LEU C 74 31.37 1.51 -31.83
CA LEU C 74 30.00 1.10 -32.14
C LEU C 74 29.86 -0.41 -32.12
N ALA C 75 30.87 -1.14 -32.62
CA ALA C 75 30.81 -2.60 -32.61
C ALA C 75 30.79 -3.13 -31.19
N ALA C 76 31.58 -2.54 -30.30
CA ALA C 76 31.56 -2.95 -28.90
C ALA C 76 30.27 -2.51 -28.20
N LEU C 77 29.67 -1.41 -28.65
CA LEU C 77 28.44 -0.93 -28.04
C LEU C 77 27.26 -1.81 -28.42
N ILE C 78 27.10 -2.09 -29.72
CA ILE C 78 25.97 -2.91 -30.17
C ILE C 78 26.16 -4.37 -29.78
N GLY C 79 27.40 -4.81 -29.64
CA GLY C 79 27.68 -6.16 -29.21
C GLY C 79 28.03 -7.15 -30.30
N HIS C 80 28.61 -6.70 -31.40
CA HIS C 80 29.03 -7.59 -32.48
C HIS C 80 30.45 -8.04 -32.17
N LEU C 81 30.55 -9.14 -31.41
CA LEU C 81 31.85 -9.64 -30.97
C LEU C 81 32.72 -10.04 -32.15
N GLU C 82 32.11 -10.61 -33.18
CA GLU C 82 32.87 -11.04 -34.36
C GLU C 82 33.45 -9.85 -35.10
N ILE C 83 32.67 -8.77 -35.25
CA ILE C 83 33.18 -7.56 -35.87
C ILE C 83 34.24 -6.91 -34.99
N VAL C 84 34.10 -7.01 -33.67
CA VAL C 84 35.10 -6.45 -32.76
C VAL C 84 36.44 -7.13 -32.96
N GLU C 85 36.44 -8.46 -33.05
CA GLU C 85 37.69 -9.19 -33.25
C GLU C 85 38.29 -8.91 -34.61
N VAL C 86 37.46 -8.78 -35.65
CA VAL C 86 37.97 -8.48 -36.98
C VAL C 86 38.58 -7.08 -37.01
N LEU C 87 37.90 -6.11 -36.39
CA LEU C 87 38.45 -4.76 -36.34
C LEU C 87 39.76 -4.72 -35.57
N LEU C 88 39.84 -5.44 -34.45
CA LEU C 88 41.06 -5.45 -33.65
C LEU C 88 42.23 -6.07 -34.42
N LYS C 89 41.96 -7.13 -35.18
CA LYS C 89 43.00 -7.77 -35.96
C LYS C 89 43.48 -6.91 -37.12
N HIS C 90 42.72 -5.87 -37.49
CA HIS C 90 43.09 -4.97 -38.57
C HIS C 90 43.63 -3.65 -38.06
N GLY C 91 44.03 -3.57 -36.80
CA GLY C 91 44.68 -2.39 -36.28
C GLY C 91 43.78 -1.39 -35.60
N ALA C 92 42.62 -1.81 -35.08
CA ALA C 92 41.73 -0.89 -34.40
C ALA C 92 42.31 -0.50 -33.04
N ASP C 93 42.32 0.80 -32.76
CA ASP C 93 42.80 1.30 -31.47
C ASP C 93 41.86 0.83 -30.37
N VAL C 94 42.31 -0.15 -29.59
CA VAL C 94 41.46 -0.71 -28.52
C VAL C 94 41.15 0.34 -27.47
N ASN C 95 42.03 1.34 -27.30
CA ASN C 95 41.87 2.37 -26.30
C ASN C 95 41.49 3.71 -26.92
N ALA C 96 40.79 3.69 -28.05
CA ALA C 96 40.32 4.91 -28.66
C ALA C 96 39.31 5.60 -27.75
N VAL C 97 39.42 6.93 -27.65
CA VAL C 97 38.58 7.72 -26.76
C VAL C 97 37.70 8.62 -27.62
N ASP C 98 36.39 8.58 -27.36
CA ASP C 98 35.44 9.42 -28.08
C ASP C 98 35.26 10.74 -27.35
N THR C 99 34.26 11.51 -27.77
CA THR C 99 34.04 12.83 -27.19
C THR C 99 33.51 12.78 -25.76
N TRP C 100 33.00 11.62 -25.33
CA TRP C 100 32.49 11.46 -23.97
C TRP C 100 33.50 10.74 -23.07
N GLY C 101 34.76 10.68 -23.48
CA GLY C 101 35.76 9.96 -22.72
C GLY C 101 35.62 8.45 -22.76
N ASP C 102 34.65 7.92 -23.49
CA ASP C 102 34.39 6.49 -23.50
C ASP C 102 35.37 5.76 -24.41
N THR C 103 35.86 4.63 -23.94
CA THR C 103 36.64 3.67 -24.70
C THR C 103 35.76 2.51 -25.12
N PRO C 104 36.17 1.71 -26.10
CA PRO C 104 35.41 0.50 -26.43
C PRO C 104 35.16 -0.40 -25.24
N LEU C 105 36.04 -0.36 -24.23
CA LEU C 105 35.80 -1.14 -23.02
C LEU C 105 34.66 -0.53 -22.20
N HIS C 106 34.55 0.80 -22.18
CA HIS C 106 33.47 1.44 -21.46
C HIS C 106 32.10 1.03 -22.01
N LEU C 107 31.95 1.11 -23.34
CA LEU C 107 30.65 0.79 -23.95
C LEU C 107 30.33 -0.69 -23.83
N ALA C 108 31.33 -1.55 -24.00
CA ALA C 108 31.09 -2.98 -23.83
C ALA C 108 30.73 -3.34 -22.40
N ALA C 109 31.25 -2.57 -21.43
CA ALA C 109 30.91 -2.82 -20.03
C ALA C 109 29.51 -2.29 -19.70
N ILE C 110 29.18 -1.08 -20.17
CA ILE C 110 27.88 -0.49 -19.88
C ILE C 110 26.77 -1.34 -20.48
N MET C 111 26.97 -1.83 -21.70
CA MET C 111 25.96 -2.61 -22.40
C MET C 111 25.93 -4.07 -21.97
N GLY C 112 26.80 -4.49 -21.06
CA GLY C 112 26.77 -5.87 -20.58
C GLY C 112 27.29 -6.89 -21.56
N HIS C 113 28.12 -6.49 -22.53
CA HIS C 113 28.72 -7.43 -23.47
C HIS C 113 30.00 -7.97 -22.84
N LEU C 114 29.81 -8.96 -21.95
CA LEU C 114 30.93 -9.48 -21.16
C LEU C 114 31.96 -10.19 -22.04
N GLU C 115 31.51 -10.85 -23.10
CA GLU C 115 32.46 -11.53 -23.99
C GLU C 115 33.32 -10.53 -24.74
N ILE C 116 32.73 -9.40 -25.18
CA ILE C 116 33.51 -8.35 -25.81
C ILE C 116 34.49 -7.74 -24.82
N VAL C 117 34.07 -7.61 -23.57
CA VAL C 117 34.96 -7.07 -22.54
C VAL C 117 36.20 -7.95 -22.38
N GLU C 118 36.00 -9.27 -22.37
CA GLU C 118 37.14 -10.17 -22.23
C GLU C 118 38.09 -10.07 -23.42
N VAL C 119 37.55 -9.89 -24.62
CA VAL C 119 38.38 -9.77 -25.81
C VAL C 119 39.14 -8.45 -25.82
N LEU C 120 38.48 -7.38 -25.36
CA LEU C 120 39.16 -6.08 -25.32
C LEU C 120 40.29 -6.07 -24.29
N LEU C 121 40.06 -6.70 -23.13
CA LEU C 121 41.12 -6.78 -22.13
C LEU C 121 42.31 -7.58 -22.65
N LYS C 122 42.03 -8.67 -23.37
CA LYS C 122 43.10 -9.48 -23.95
C LYS C 122 43.91 -8.68 -24.97
N HIS C 123 43.29 -7.70 -25.62
CA HIS C 123 43.94 -6.89 -26.65
C HIS C 123 44.49 -5.58 -26.11
N GLY C 124 44.64 -5.46 -24.79
CA GLY C 124 45.29 -4.31 -24.21
C GLY C 124 44.40 -3.14 -23.84
N ALA C 125 43.14 -3.41 -23.47
CA ALA C 125 42.26 -2.33 -23.04
C ALA C 125 42.71 -1.75 -21.71
N ASP C 126 42.86 -0.44 -21.65
CA ASP C 126 43.29 0.24 -20.43
C ASP C 126 42.16 0.24 -19.41
N VAL C 127 42.32 -0.54 -18.34
CA VAL C 127 41.31 -0.56 -17.29
C VAL C 127 41.28 0.77 -16.55
N ASN C 128 42.39 1.50 -16.53
CA ASN C 128 42.47 2.78 -15.85
C ASN C 128 41.93 3.94 -16.67
N ALA C 129 41.43 3.67 -17.88
CA ALA C 129 40.92 4.74 -18.73
C ALA C 129 39.65 5.33 -18.13
N GLN C 130 39.64 6.64 -17.94
CA GLN C 130 38.51 7.35 -17.36
C GLN C 130 37.72 8.04 -18.46
N ASP C 131 36.40 8.09 -18.30
CA ASP C 131 35.55 8.86 -19.21
C ASP C 131 35.59 10.33 -18.78
N LYS C 132 34.76 11.15 -19.40
CA LYS C 132 34.69 12.56 -19.03
C LYS C 132 34.15 12.77 -17.62
N PHE C 133 33.56 11.75 -17.01
CA PHE C 133 32.98 11.86 -15.68
C PHE C 133 33.86 11.19 -14.62
N GLY C 134 35.09 10.82 -14.97
CA GLY C 134 36.01 10.21 -14.03
C GLY C 134 35.80 8.73 -13.78
N LYS C 135 34.93 8.08 -14.54
CA LYS C 135 34.58 6.68 -14.31
C LYS C 135 35.37 5.79 -15.26
N THR C 136 35.92 4.71 -14.73
CA THR C 136 36.54 3.66 -15.52
C THR C 136 35.55 2.53 -15.75
N ALA C 137 35.96 1.57 -16.59
CA ALA C 137 35.15 0.38 -16.79
C ALA C 137 34.95 -0.37 -15.48
N PHE C 138 35.96 -0.36 -14.61
CA PHE C 138 35.83 -0.97 -13.30
C PHE C 138 34.90 -0.15 -12.41
N ASP C 139 34.93 1.17 -12.54
CA ASP C 139 34.03 2.02 -11.77
C ASP C 139 32.57 1.76 -12.13
N ILE C 140 32.30 1.55 -13.42
CA ILE C 140 30.93 1.30 -13.86
C ILE C 140 30.43 -0.04 -13.32
N SER C 141 31.32 -1.04 -13.25
CA SER C 141 30.93 -2.34 -12.72
C SER C 141 30.54 -2.26 -11.25
N ILE C 142 31.28 -1.46 -10.47
CA ILE C 142 30.97 -1.32 -9.05
C ILE C 142 29.71 -0.50 -8.86
N ASP C 143 29.57 0.61 -9.60
CA ASP C 143 28.41 1.47 -9.43
C ASP C 143 27.11 0.78 -9.84
N ASN C 144 27.16 -0.08 -10.86
CA ASN C 144 25.97 -0.77 -11.33
C ASN C 144 25.71 -2.09 -10.63
N GLY C 145 26.63 -2.55 -9.78
CA GLY C 145 26.45 -3.82 -9.11
C GLY C 145 26.65 -5.03 -9.99
N ASN C 146 27.20 -4.86 -11.19
CA ASN C 146 27.43 -5.97 -12.11
C ASN C 146 28.63 -6.76 -11.61
N GLU C 147 28.36 -7.76 -10.76
CA GLU C 147 29.44 -8.57 -10.19
C GLU C 147 30.11 -9.42 -11.26
N ASP C 148 29.34 -9.95 -12.22
CA ASP C 148 29.93 -10.77 -13.26
C ASP C 148 30.93 -9.98 -14.09
N LEU C 149 30.65 -8.71 -14.35
CA LEU C 149 31.61 -7.87 -15.06
C LEU C 149 32.80 -7.50 -14.19
N ALA C 150 32.60 -7.38 -12.88
CA ALA C 150 33.69 -7.01 -11.99
C ALA C 150 34.74 -8.12 -11.92
N GLU C 151 34.31 -9.38 -11.88
CA GLU C 151 35.27 -10.48 -11.84
C GLU C 151 36.05 -10.56 -13.14
N ILE C 152 35.41 -10.25 -14.27
CA ILE C 152 36.11 -10.27 -15.56
C ILE C 152 37.19 -9.20 -15.60
N LEU C 153 36.88 -8.01 -15.07
CA LEU C 153 37.88 -6.94 -15.03
C LEU C 153 38.95 -7.19 -13.98
N GLN C 154 38.80 -8.20 -13.13
CA GLN C 154 39.78 -8.55 -12.11
C GLN C 154 40.47 -9.84 -12.56
N LYS C 155 41.52 -9.69 -13.36
CA LYS C 155 42.27 -10.84 -13.85
C LYS C 155 43.72 -10.44 -14.15
#